data_4RO1
#
_entry.id   4RO1
#
_cell.length_a   116.966
_cell.length_b   54.201
_cell.length_c   127.217
_cell.angle_alpha   90.00
_cell.angle_beta   107.09
_cell.angle_gamma   90.00
#
_symmetry.space_group_name_H-M   'P 1 21 1'
#
_entity_poly.entity_id   1
_entity_poly.type   'polypeptide(L)'
_entity_poly.pdbx_seq_one_letter_code
;HHHHHHNAKKSVYPLYYDSATVKKGLKSGTLFKGTLRILENHRSAFACMEDIPDFYVDGPIARNRAFHNDVVIVEPVMNN
DSPTEKSNFLQNGVEKVKIKDHDDELGGAMEHLERLEIKSVASFKGDSRTRARVVAIEKRAEISKIVGILRAPGWSLKNV
EYVSKKSSYAIFIPKDKRLPFITIHKNDLSDLSGENWIENILKHHDQLFSVEITRWSIYSRWPMGVLGEKLGNITDVEAY
TNALLLENGISSSPFSDEVLNCLPPDDWIISHEEIKKRRDLRNELIITIDPETARDLDDAVSCRALDNGTYEVGVHIADV
THFVKPDSALDKEAASRATTVYLVQKAIPMLPPLLCERLCSLNPNVERLAFSVFWKLDSNGKEIGKRWFGKTVIKTCARL
AYSEAQGVIEGKSWDDAVGKPIGGTHTPKDVETSILTLCEISRKLRKDRFAKGAVEINSTELKFQLDEYGMPNKCEVYEQ
TDANHLIEEFMLLANRSVAEHISKNFSNNSLLRRHASPKEKQINEFCHFLKSMNFDFDASSSAAFNASMVRLRSTFNEEL
VELFENMAVRSLNRAEYFCTGDFGEKTDWHHYALSFNHYTHFTSPIRRYPDIIVHRLLERSLKNTSPGIDKKNCSLVAAH
CNEKKEKSTTVQEDSQQLFLSVYIAEYCKKHDKKSMPVQAFATRISGNSIDVYISEYGISNRVDLSSDDRIKSFIVAPDD
SSVKITLFDDSQKTIALTDRFQVYLYSDYSRTFFSIRCSLVSLN
;
_entity_poly.pdbx_strand_id   B,A
#
# COMPACT_ATOMS: atom_id res chain seq x y z
N SER A 167 -16.30 46.23 -9.82
CA SER A 167 -15.23 47.18 -9.56
C SER A 167 -15.01 48.13 -10.73
N SER A 168 -13.87 48.80 -10.70
CA SER A 168 -13.47 49.68 -11.79
C SER A 168 -12.27 49.06 -12.47
N TYR A 169 -11.93 47.85 -12.02
CA TYR A 169 -10.76 47.16 -12.55
C TYR A 169 -11.14 45.96 -13.42
N ALA A 170 -10.20 45.54 -14.25
CA ALA A 170 -10.33 44.35 -15.06
C ALA A 170 -9.19 43.40 -14.69
N ILE A 171 -9.37 42.12 -14.98
CA ILE A 171 -8.38 41.12 -14.58
C ILE A 171 -7.59 40.60 -15.76
N PHE A 172 -6.27 40.61 -15.64
CA PHE A 172 -5.39 40.12 -16.68
C PHE A 172 -4.69 38.87 -16.21
N ILE A 173 -4.85 37.79 -16.97
CA ILE A 173 -4.23 36.51 -16.61
C ILE A 173 -3.07 36.20 -17.55
N PRO A 174 -1.85 36.10 -17.00
CA PRO A 174 -0.68 35.90 -17.85
C PRO A 174 -0.59 34.48 -18.38
N LYS A 175 -0.05 34.32 -19.58
CA LYS A 175 0.20 32.99 -20.15
C LYS A 175 1.35 32.32 -19.41
N ASP A 176 2.09 33.14 -18.66
CA ASP A 176 3.21 32.66 -17.86
C ASP A 176 2.67 32.36 -16.46
N LYS A 177 2.65 31.09 -16.10
CA LYS A 177 2.01 30.65 -14.85
C LYS A 177 2.78 31.08 -13.60
N ARG A 178 3.98 31.64 -13.78
CA ARG A 178 4.78 32.07 -12.65
C ARG A 178 4.39 33.46 -12.14
N LEU A 179 3.70 34.22 -12.99
CA LEU A 179 3.24 35.54 -12.59
C LEU A 179 1.84 35.46 -11.97
N PRO A 180 1.47 36.46 -11.15
CA PRO A 180 0.14 36.46 -10.54
C PRO A 180 -0.89 37.10 -11.45
N PHE A 181 -2.09 37.34 -10.94
CA PHE A 181 -3.08 38.08 -11.71
C PHE A 181 -2.67 39.54 -11.71
N ILE A 182 -2.94 40.24 -12.80
CA ILE A 182 -2.64 41.65 -12.89
C ILE A 182 -3.94 42.39 -13.12
N THR A 183 -4.13 43.47 -12.38
CA THR A 183 -5.38 44.22 -12.44
C THR A 183 -5.15 45.51 -13.22
N ILE A 184 -6.01 45.75 -14.21
CA ILE A 184 -5.94 46.97 -14.98
C ILE A 184 -7.18 47.77 -14.66
N HIS A 185 -7.10 49.08 -14.86
CA HIS A 185 -8.15 49.98 -14.42
C HIS A 185 -8.99 50.37 -15.62
N LYS A 186 -10.29 50.55 -15.40
CA LYS A 186 -11.23 50.95 -16.46
C LYS A 186 -10.67 52.04 -17.38
N ASN A 187 -9.78 52.87 -16.87
CA ASN A 187 -9.20 53.97 -17.63
C ASN A 187 -7.93 53.56 -18.38
N ASP A 188 -7.34 52.43 -17.99
CA ASP A 188 -6.05 52.02 -18.52
C ASP A 188 -6.16 50.86 -19.50
N LEU A 189 -7.36 50.61 -20.02
CA LEU A 189 -7.55 49.47 -20.91
C LEU A 189 -7.39 49.80 -22.40
N SER A 190 -6.92 50.89 -22.80
CA SER A 190 -6.24 51.29 -24.04
C SER A 190 -7.05 51.22 -25.34
N ASP A 191 -8.06 52.09 -25.45
CA ASP A 191 -9.02 52.12 -26.57
C ASP A 191 -9.95 50.90 -26.46
N LEU A 192 -10.19 50.49 -25.22
CA LEU A 192 -11.18 49.49 -24.85
C LEU A 192 -11.85 50.16 -23.66
N SER A 193 -11.10 51.13 -23.12
CA SER A 193 -11.55 52.00 -22.05
C SER A 193 -12.55 53.03 -22.57
N GLY A 194 -13.58 53.30 -21.78
CA GLY A 194 -14.61 54.21 -22.19
C GLY A 194 -15.93 53.88 -21.52
N GLU A 195 -17.03 54.33 -22.11
CA GLU A 195 -18.36 53.87 -21.66
C GLU A 195 -18.62 52.62 -22.35
N ASN A 196 -18.92 51.62 -21.52
CA ASN A 196 -19.14 50.12 -21.84
C ASN A 196 -17.86 49.43 -22.19
N TRP A 197 -16.80 49.73 -21.43
CA TRP A 197 -15.54 49.01 -21.48
C TRP A 197 -15.70 47.53 -21.17
N ILE A 198 -16.76 47.21 -20.43
CA ILE A 198 -17.03 45.84 -19.98
C ILE A 198 -17.59 44.98 -21.10
N GLU A 199 -17.95 45.62 -22.21
CA GLU A 199 -18.46 44.89 -23.36
C GLU A 199 -17.33 44.71 -24.36
N ASN A 200 -16.38 45.64 -24.34
CA ASN A 200 -15.19 45.55 -25.17
C ASN A 200 -14.29 44.42 -24.70
N ILE A 201 -14.20 44.25 -23.38
CA ILE A 201 -13.41 43.16 -22.80
C ILE A 201 -14.17 41.85 -22.77
N LEU A 202 -15.27 41.79 -23.52
CA LEU A 202 -16.11 40.61 -23.62
C LEU A 202 -16.31 40.27 -25.09
N LYS A 203 -16.24 41.29 -25.92
CA LYS A 203 -16.27 41.17 -27.38
C LYS A 203 -14.87 40.77 -27.88
N HIS A 204 -14.01 40.40 -26.94
CA HIS A 204 -12.61 40.10 -27.20
C HIS A 204 -12.24 38.80 -26.50
N HIS A 205 -13.26 37.99 -26.22
CA HIS A 205 -13.17 36.83 -25.35
C HIS A 205 -12.00 35.87 -25.60
N ASP A 206 -11.43 35.92 -26.80
CA ASP A 206 -10.36 35.01 -27.17
C ASP A 206 -8.98 35.65 -27.25
N GLN A 207 -8.95 36.91 -27.70
CA GLN A 207 -7.70 37.60 -28.02
C GLN A 207 -6.72 37.71 -26.86
N LEU A 208 -5.44 37.90 -27.21
CA LEU A 208 -4.37 38.08 -26.23
C LEU A 208 -3.80 39.49 -26.29
N PHE A 209 -3.35 40.00 -25.15
CA PHE A 209 -2.81 41.35 -25.10
C PHE A 209 -1.43 41.38 -24.46
N SER A 210 -0.82 42.55 -24.46
CA SER A 210 0.42 42.78 -23.73
C SER A 210 0.08 43.68 -22.54
N VAL A 211 0.84 43.57 -21.46
CA VAL A 211 0.60 44.42 -20.30
C VAL A 211 1.94 44.80 -19.66
N GLU A 212 1.96 45.92 -18.96
CA GLU A 212 3.15 46.37 -18.27
C GLU A 212 2.77 46.72 -16.84
N ILE A 213 3.32 45.98 -15.89
CA ILE A 213 3.00 46.17 -14.48
C ILE A 213 3.40 47.56 -14.02
N THR A 214 2.55 48.17 -13.20
CA THR A 214 2.79 49.54 -12.74
C THR A 214 3.16 49.56 -11.27
N ARG A 215 2.20 49.20 -10.41
CA ARG A 215 2.46 49.20 -8.99
C ARG A 215 1.81 48.04 -8.25
N TRP A 216 2.43 47.65 -7.15
CA TRP A 216 1.88 46.64 -6.25
C TRP A 216 1.90 47.21 -4.85
N SER A 217 0.81 47.88 -4.49
CA SER A 217 0.75 48.61 -3.23
C SER A 217 0.67 47.63 -2.07
N ILE A 218 1.32 47.97 -0.96
CA ILE A 218 1.33 47.12 0.23
C ILE A 218 -0.05 46.89 0.83
N TYR A 219 -1.09 47.32 0.12
CA TYR A 219 -2.48 47.10 0.51
C TYR A 219 -3.31 46.58 -0.67
N SER A 220 -2.61 46.02 -1.66
CA SER A 220 -3.23 45.46 -2.85
C SER A 220 -2.80 44.01 -3.07
N ARG A 221 -3.76 43.08 -3.02
CA ARG A 221 -3.51 41.66 -3.28
C ARG A 221 -2.71 41.38 -4.55
N TRP A 222 -3.31 41.73 -5.68
CA TRP A 222 -2.69 41.57 -7.00
C TRP A 222 -2.07 42.86 -7.50
N PRO A 223 -1.07 42.76 -8.39
CA PRO A 223 -0.41 44.00 -8.80
C PRO A 223 -1.16 44.71 -9.93
N MET A 224 -0.79 45.97 -10.17
CA MET A 224 -1.50 46.78 -11.15
C MET A 224 -0.76 46.86 -12.47
N GLY A 225 -1.49 47.10 -13.55
CA GLY A 225 -0.90 47.20 -14.86
C GLY A 225 -1.71 48.04 -15.84
N VAL A 226 -1.13 48.29 -17.01
CA VAL A 226 -1.79 49.06 -18.04
C VAL A 226 -1.74 48.30 -19.36
N LEU A 227 -2.91 48.05 -19.94
CA LEU A 227 -3.01 47.28 -21.17
C LEU A 227 -2.12 47.84 -22.28
N GLY A 228 -1.49 46.94 -23.02
CA GLY A 228 -0.62 47.33 -24.12
C GLY A 228 -1.40 47.21 -25.42
N GLU A 229 -0.76 46.60 -26.42
CA GLU A 229 -1.40 46.47 -27.73
C GLU A 229 -2.08 45.11 -27.85
N LYS A 230 -2.90 44.95 -28.87
CA LYS A 230 -3.52 43.65 -29.13
C LYS A 230 -2.52 42.77 -29.87
N LEU A 231 -2.55 41.48 -29.59
CA LEU A 231 -1.61 40.54 -30.18
C LEU A 231 -2.31 39.51 -31.06
N GLY A 232 -2.66 39.93 -32.28
CA GLY A 232 -3.44 39.10 -33.18
C GLY A 232 -2.70 37.87 -33.67
N ASN A 233 -1.41 38.02 -33.92
CA ASN A 233 -0.60 36.92 -34.44
C ASN A 233 -0.36 35.84 -33.40
N ILE A 234 -0.02 36.25 -32.18
CA ILE A 234 0.22 35.30 -31.09
C ILE A 234 -1.08 34.60 -30.70
N THR A 235 -2.17 35.35 -30.68
CA THR A 235 -3.49 34.77 -30.44
C THR A 235 -3.73 33.68 -31.45
N ASP A 236 -3.35 33.97 -32.69
CA ASP A 236 -3.49 33.03 -33.79
C ASP A 236 -2.62 31.78 -33.58
N VAL A 237 -1.38 31.99 -33.14
CA VAL A 237 -0.45 30.89 -32.94
C VAL A 237 -0.87 30.02 -31.76
N GLU A 238 -1.26 30.67 -30.66
CA GLU A 238 -1.63 29.98 -29.44
C GLU A 238 -2.95 29.23 -29.60
N ALA A 239 -3.82 29.71 -30.49
CA ALA A 239 -5.13 29.10 -30.69
C ALA A 239 -4.97 27.86 -31.57
N TYR A 240 -4.01 27.92 -32.49
CA TYR A 240 -3.70 26.77 -33.32
C TYR A 240 -3.08 25.67 -32.47
N THR A 241 -2.15 26.07 -31.61
CA THR A 241 -1.45 25.14 -30.73
C THR A 241 -2.45 24.41 -29.83
N ASN A 242 -3.52 25.10 -29.45
CA ASN A 242 -4.52 24.52 -28.56
C ASN A 242 -5.40 23.50 -29.28
N ALA A 243 -5.67 23.75 -30.55
CA ALA A 243 -6.53 22.86 -31.32
C ALA A 243 -5.74 21.63 -31.73
N LEU A 244 -4.45 21.82 -31.99
CA LEU A 244 -3.57 20.73 -32.40
C LEU A 244 -3.43 19.73 -31.27
N LEU A 245 -3.49 20.23 -30.04
CA LEU A 245 -3.40 19.41 -28.84
C LEU A 245 -4.72 18.66 -28.65
N LEU A 246 -5.79 19.21 -29.22
CA LEU A 246 -7.13 18.67 -29.04
C LEU A 246 -7.44 17.51 -30.00
N GLU A 247 -7.10 17.65 -31.27
CA GLU A 247 -7.34 16.56 -32.25
C GLU A 247 -6.57 15.29 -31.91
N ASN A 248 -5.53 15.43 -31.08
CA ASN A 248 -4.61 14.33 -30.82
C ASN A 248 -4.76 13.78 -29.42
N GLY A 249 -5.72 14.31 -28.68
CA GLY A 249 -6.11 13.74 -27.41
C GLY A 249 -5.16 14.04 -26.28
N ILE A 250 -4.39 15.12 -26.43
CA ILE A 250 -3.46 15.50 -25.38
C ILE A 250 -4.11 16.43 -24.38
N SER A 251 -4.16 15.97 -23.13
CA SER A 251 -4.70 16.76 -22.04
C SER A 251 -3.63 17.73 -21.56
N SER A 252 -4.04 18.96 -21.30
CA SER A 252 -3.13 20.02 -20.91
C SER A 252 -3.81 20.88 -19.86
N SER A 253 -4.58 20.21 -19.01
CA SER A 253 -5.35 20.88 -17.97
C SER A 253 -4.50 20.95 -16.72
N PRO A 254 -4.93 21.74 -15.72
CA PRO A 254 -4.17 21.75 -14.48
C PRO A 254 -4.29 20.41 -13.77
N PHE A 255 -3.39 20.12 -12.85
CA PHE A 255 -3.38 18.83 -12.19
C PHE A 255 -4.51 18.78 -11.17
N SER A 256 -5.20 17.65 -11.12
CA SER A 256 -6.30 17.44 -10.17
C SER A 256 -5.87 17.64 -8.72
N ASP A 257 -6.85 17.68 -7.82
CA ASP A 257 -6.55 17.88 -6.41
C ASP A 257 -6.18 16.55 -5.77
N GLU A 258 -6.46 15.47 -6.48
CA GLU A 258 -6.08 14.13 -6.01
C GLU A 258 -4.64 13.82 -6.37
N VAL A 259 -4.14 14.47 -7.43
CA VAL A 259 -2.76 14.32 -7.86
C VAL A 259 -1.82 15.16 -6.99
N LEU A 260 -2.19 16.41 -6.78
CA LEU A 260 -1.36 17.35 -6.02
C LEU A 260 -1.21 16.97 -4.55
N ASN A 261 -2.05 16.04 -4.09
CA ASN A 261 -2.00 15.60 -2.70
C ASN A 261 -1.27 14.28 -2.54
N CYS A 262 -0.91 13.68 -3.66
CA CYS A 262 -0.10 12.47 -3.65
C CYS A 262 1.35 12.87 -3.78
N LEU A 263 1.58 14.18 -3.81
CA LEU A 263 2.90 14.75 -3.90
C LEU A 263 3.47 14.89 -2.49
N PRO A 264 4.80 14.82 -2.35
CA PRO A 264 5.35 15.13 -1.03
C PRO A 264 5.17 16.60 -0.73
N PRO A 265 5.34 17.02 0.53
CA PRO A 265 5.07 18.43 0.81
C PRO A 265 6.17 19.33 0.26
N ASP A 266 5.83 20.59 -0.01
CA ASP A 266 6.76 21.55 -0.60
C ASP A 266 8.03 21.70 0.22
N ASP A 267 7.95 21.41 1.52
CA ASP A 267 9.08 21.57 2.42
C ASP A 267 9.78 20.23 2.67
N TRP A 268 9.67 19.30 1.72
CA TRP A 268 10.27 17.99 1.90
C TRP A 268 11.77 18.09 1.66
N ILE A 269 12.54 17.28 2.38
CA ILE A 269 13.99 17.28 2.27
C ILE A 269 14.51 15.88 2.51
N ILE A 270 15.67 15.57 1.94
CA ILE A 270 16.29 14.27 2.10
C ILE A 270 16.78 14.07 3.52
N SER A 271 16.32 13.01 4.17
CA SER A 271 16.71 12.70 5.54
C SER A 271 17.97 11.86 5.57
N HIS A 272 18.67 11.90 6.70
CA HIS A 272 19.92 11.16 6.86
C HIS A 272 19.68 9.65 6.84
N GLU A 273 18.52 9.23 7.32
CA GLU A 273 18.16 7.82 7.31
C GLU A 273 17.96 7.34 5.87
N GLU A 274 17.74 8.29 4.96
CA GLU A 274 17.56 7.97 3.56
C GLU A 274 18.91 8.00 2.85
N ILE A 275 19.81 8.87 3.32
CA ILE A 275 21.17 8.92 2.79
C ILE A 275 21.96 7.71 3.26
N LYS A 276 21.50 7.09 4.35
CA LYS A 276 22.23 6.00 4.96
C LYS A 276 21.92 4.68 4.26
N LYS A 277 20.69 4.54 3.77
CA LYS A 277 20.30 3.33 3.04
C LYS A 277 20.55 3.46 1.54
N ARG A 278 21.35 4.46 1.17
CA ARG A 278 21.73 4.66 -0.23
C ARG A 278 23.24 4.72 -0.40
N ARG A 279 23.69 4.67 -1.64
CA ARG A 279 25.10 4.83 -1.96
C ARG A 279 25.37 6.33 -2.10
N ASP A 280 26.29 6.84 -1.28
CA ASP A 280 26.49 8.28 -1.17
C ASP A 280 27.52 8.74 -2.20
N LEU A 281 27.07 9.54 -3.17
CA LEU A 281 27.95 10.01 -4.24
C LEU A 281 28.06 11.52 -4.33
N ARG A 282 27.77 12.21 -3.23
CA ARG A 282 27.74 13.67 -3.24
C ARG A 282 29.13 14.28 -3.37
N ASN A 283 30.16 13.45 -3.17
CA ASN A 283 31.54 13.92 -3.24
C ASN A 283 32.21 13.52 -4.54
N GLU A 284 31.42 12.98 -5.45
CA GLU A 284 31.94 12.52 -6.74
C GLU A 284 31.78 13.61 -7.79
N LEU A 285 32.49 13.46 -8.90
CA LEU A 285 32.42 14.47 -9.95
C LEU A 285 31.35 14.05 -10.95
N ILE A 286 30.16 14.62 -10.78
CA ILE A 286 29.02 14.30 -11.63
C ILE A 286 28.50 15.57 -12.28
N ILE A 287 28.28 15.51 -13.58
CA ILE A 287 27.77 16.67 -14.31
C ILE A 287 26.53 16.33 -15.13
N THR A 288 25.81 17.37 -15.53
CA THR A 288 24.74 17.22 -16.50
C THR A 288 25.09 18.03 -17.74
N ILE A 289 24.74 17.47 -18.90
CA ILE A 289 24.94 18.15 -20.17
C ILE A 289 23.62 18.05 -20.90
N ASP A 290 23.15 19.15 -21.46
CA ASP A 290 21.77 19.26 -21.90
C ASP A 290 21.64 20.21 -23.12
N PRO A 291 20.50 20.17 -23.82
CA PRO A 291 20.31 20.96 -25.04
C PRO A 291 20.27 22.48 -24.89
N GLU A 292 20.19 22.96 -23.67
CA GLU A 292 20.13 24.38 -23.44
C GLU A 292 18.72 24.87 -23.55
N THR A 293 17.80 23.96 -23.74
CA THR A 293 16.42 24.34 -23.89
C THR A 293 15.50 23.71 -22.87
N ALA A 294 15.15 22.46 -23.03
CA ALA A 294 14.19 21.78 -22.15
C ALA A 294 14.34 22.02 -20.64
N ARG A 295 13.21 21.91 -19.95
CA ARG A 295 13.15 22.11 -18.51
C ARG A 295 13.58 20.90 -17.74
N ASP A 296 13.40 19.72 -18.29
CA ASP A 296 13.79 18.52 -17.58
C ASP A 296 15.30 18.42 -17.37
N LEU A 297 15.68 17.87 -16.22
CA LEU A 297 17.07 17.66 -15.87
C LEU A 297 17.11 16.41 -15.02
N ASP A 298 16.92 15.26 -15.65
CA ASP A 298 16.78 14.01 -14.92
C ASP A 298 17.88 13.00 -15.25
N ASP A 299 18.84 13.40 -16.08
CA ASP A 299 19.97 12.54 -16.35
C ASP A 299 21.27 13.28 -16.06
N ALA A 300 22.25 12.53 -15.57
CA ALA A 300 23.55 13.08 -15.25
C ALA A 300 24.58 11.98 -15.49
N VAL A 301 25.84 12.37 -15.59
CA VAL A 301 26.91 11.43 -15.91
C VAL A 301 28.17 11.73 -15.11
N SER A 302 29.07 10.76 -15.07
CA SER A 302 30.29 10.86 -14.27
C SER A 302 31.31 9.86 -14.77
N CYS A 303 32.58 10.11 -14.49
CA CYS A 303 33.65 9.25 -14.99
C CYS A 303 34.91 9.38 -14.16
N ARG A 304 35.15 8.42 -13.28
CA ARG A 304 36.34 8.42 -12.44
C ARG A 304 37.40 7.51 -13.02
N ALA A 305 38.63 8.01 -13.09
CA ALA A 305 39.75 7.22 -13.56
C ALA A 305 40.25 6.36 -12.41
N LEU A 306 40.50 5.08 -12.68
CA LEU A 306 40.89 4.15 -11.62
C LEU A 306 42.41 3.98 -11.65
N ASP A 307 42.94 3.32 -10.62
CA ASP A 307 44.40 2.98 -10.55
C ASP A 307 44.70 1.80 -11.46
N ASN A 308 44.27 1.86 -12.72
CA ASN A 308 44.64 0.86 -13.74
C ASN A 308 44.84 1.38 -15.14
N GLY A 309 43.74 1.80 -15.74
CA GLY A 309 43.66 2.34 -17.09
C GLY A 309 42.24 2.00 -17.42
N THR A 310 41.46 1.92 -16.35
CA THR A 310 40.06 1.49 -16.39
C THR A 310 39.24 2.59 -15.73
N TYR A 311 37.97 2.67 -16.06
CA TYR A 311 37.14 3.77 -15.57
C TYR A 311 35.87 3.31 -14.89
N GLU A 312 35.49 4.01 -13.84
CA GLU A 312 34.19 3.79 -13.23
C GLU A 312 33.25 4.81 -13.84
N VAL A 313 32.61 4.42 -14.94
CA VAL A 313 31.67 5.28 -15.63
C VAL A 313 30.31 5.11 -14.98
N GLY A 314 29.48 6.16 -15.02
CA GLY A 314 28.18 6.10 -14.39
C GLY A 314 27.15 7.00 -15.02
N VAL A 315 25.91 6.53 -15.00
CA VAL A 315 24.77 7.32 -15.47
C VAL A 315 23.79 7.44 -14.32
N HIS A 316 23.44 8.67 -13.97
CA HIS A 316 22.62 8.92 -12.78
C HIS A 316 21.29 9.56 -13.14
N ILE A 317 20.22 8.83 -12.86
CA ILE A 317 18.87 9.24 -13.23
C ILE A 317 18.07 9.67 -12.01
N ALA A 318 17.22 10.69 -12.18
CA ALA A 318 16.40 11.19 -11.08
C ALA A 318 15.45 10.09 -10.60
N ASP A 319 15.31 9.98 -9.28
CA ASP A 319 14.52 8.91 -8.67
C ASP A 319 13.03 9.26 -8.63
N VAL A 320 12.43 9.35 -9.82
CA VAL A 320 11.03 9.75 -9.95
C VAL A 320 10.07 8.77 -9.25
N THR A 321 10.43 7.48 -9.21
CA THR A 321 9.53 6.46 -8.66
C THR A 321 9.69 6.36 -7.15
N HIS A 322 10.34 7.35 -6.56
CA HIS A 322 10.47 7.42 -5.12
C HIS A 322 9.36 8.32 -4.62
N PHE A 323 8.87 9.16 -5.52
CA PHE A 323 7.80 10.11 -5.21
C PHE A 323 6.51 9.72 -5.94
N VAL A 324 6.65 9.01 -7.05
CA VAL A 324 5.50 8.59 -7.84
C VAL A 324 5.22 7.11 -7.56
N LYS A 325 4.29 6.86 -6.62
CA LYS A 325 4.02 5.51 -6.14
C LYS A 325 2.95 4.80 -6.97
N PRO A 326 3.07 3.47 -7.13
CA PRO A 326 2.17 2.68 -7.98
C PRO A 326 0.71 2.78 -7.58
N ASP A 327 -0.14 3.15 -8.55
CA ASP A 327 -1.60 3.15 -8.43
C ASP A 327 -2.13 4.36 -7.67
N SER A 328 -1.32 5.40 -7.56
CA SER A 328 -1.76 6.64 -6.91
C SER A 328 -2.42 7.52 -7.96
N ALA A 329 -3.16 8.54 -7.53
CA ALA A 329 -3.78 9.47 -8.45
C ALA A 329 -2.72 10.12 -9.31
N LEU A 330 -1.57 10.37 -8.70
CA LEU A 330 -0.42 10.95 -9.36
C LEU A 330 0.14 9.97 -10.39
N ASP A 331 0.04 8.68 -10.08
CA ASP A 331 0.55 7.64 -10.97
C ASP A 331 -0.42 7.32 -12.11
N LYS A 332 -1.71 7.50 -11.86
CA LYS A 332 -2.71 7.21 -12.88
C LYS A 332 -2.71 8.29 -13.95
N GLU A 333 -2.47 9.53 -13.52
CA GLU A 333 -2.51 10.65 -14.43
C GLU A 333 -1.23 10.70 -15.26
N ALA A 334 -0.13 10.24 -14.67
CA ALA A 334 1.13 10.13 -15.40
C ALA A 334 1.01 9.01 -16.43
N ALA A 335 0.45 7.89 -15.99
CA ALA A 335 0.22 6.75 -16.88
C ALA A 335 -0.74 7.09 -18.00
N SER A 336 -1.62 8.06 -17.74
CA SER A 336 -2.61 8.47 -18.73
C SER A 336 -1.99 9.41 -19.76
N ARG A 337 -1.18 10.34 -19.28
CA ARG A 337 -0.47 11.27 -20.15
C ARG A 337 0.64 10.52 -20.87
N ALA A 338 1.28 9.60 -20.15
CA ALA A 338 2.21 8.60 -20.72
C ALA A 338 3.48 9.20 -21.31
N THR A 339 3.60 10.53 -21.23
CA THR A 339 4.71 11.23 -21.84
C THR A 339 4.57 12.74 -21.71
N THR A 340 5.66 13.45 -21.97
CA THR A 340 5.63 14.90 -21.98
C THR A 340 5.62 15.33 -23.44
N VAL A 341 4.80 16.33 -23.76
CA VAL A 341 4.70 16.78 -25.14
C VAL A 341 5.46 18.08 -25.28
N TYR A 342 6.37 18.12 -26.25
CA TYR A 342 7.27 19.25 -26.37
C TYR A 342 6.92 20.10 -27.57
N LEU A 343 6.29 21.23 -27.29
CA LEU A 343 5.92 22.19 -28.30
C LEU A 343 7.09 23.17 -28.38
N VAL A 344 7.13 23.97 -29.44
CA VAL A 344 8.23 24.90 -29.64
C VAL A 344 8.29 25.93 -28.50
N GLN A 345 7.12 26.39 -28.06
CA GLN A 345 7.06 27.47 -27.07
C GLN A 345 6.73 27.00 -25.65
N LYS A 346 6.42 25.72 -25.48
CA LYS A 346 6.09 25.20 -24.17
C LYS A 346 6.08 23.68 -24.12
N ALA A 347 5.88 23.14 -22.92
CA ALA A 347 5.84 21.70 -22.71
C ALA A 347 4.63 21.29 -21.90
N ILE A 348 3.91 20.27 -22.35
CA ILE A 348 2.82 19.71 -21.59
C ILE A 348 3.36 18.59 -20.71
N PRO A 349 3.50 18.86 -19.40
CA PRO A 349 4.22 17.95 -18.51
C PRO A 349 3.44 16.69 -18.16
N MET A 350 4.16 15.61 -17.92
CA MET A 350 3.56 14.36 -17.48
C MET A 350 3.41 14.40 -15.96
N LEU A 351 4.29 15.15 -15.32
CA LEU A 351 4.32 15.25 -13.85
C LEU A 351 4.22 16.71 -13.40
N PRO A 352 3.84 16.93 -12.14
CA PRO A 352 3.64 18.29 -11.64
C PRO A 352 4.97 19.04 -11.43
N PRO A 353 4.91 20.39 -11.34
CA PRO A 353 6.10 21.23 -11.25
C PRO A 353 7.08 20.87 -10.12
N LEU A 354 6.56 20.57 -8.93
CA LEU A 354 7.39 20.18 -7.79
C LEU A 354 8.37 19.03 -8.11
N LEU A 355 8.13 18.33 -9.21
CA LEU A 355 8.94 17.16 -9.54
C LEU A 355 9.93 17.47 -10.65
N CYS A 356 9.44 17.98 -11.77
CA CYS A 356 10.31 18.32 -12.91
C CYS A 356 11.25 19.49 -12.58
N GLU A 357 10.89 20.30 -11.59
CA GLU A 357 11.61 21.55 -11.33
C GLU A 357 12.50 21.42 -10.10
N ARG A 358 12.08 20.61 -9.14
CA ARG A 358 12.81 20.51 -7.87
C ARG A 358 13.37 19.15 -7.50
N LEU A 359 12.53 18.31 -6.90
CA LEU A 359 12.96 17.07 -6.27
C LEU A 359 13.49 16.04 -7.27
N CYS A 360 13.15 16.22 -8.54
CA CYS A 360 13.59 15.29 -9.57
C CYS A 360 14.29 16.07 -10.67
N SER A 361 14.81 17.23 -10.30
CA SER A 361 15.66 18.02 -11.18
C SER A 361 17.08 17.98 -10.63
N LEU A 362 18.03 17.61 -11.47
CA LEU A 362 19.40 17.43 -11.02
C LEU A 362 20.22 18.70 -11.19
N ASN A 363 19.76 19.77 -10.55
CA ASN A 363 20.47 21.04 -10.57
C ASN A 363 21.79 20.93 -9.81
N PRO A 364 22.72 21.87 -10.04
CA PRO A 364 24.04 21.76 -9.42
C PRO A 364 24.05 22.27 -7.98
N ASN A 365 25.05 21.85 -7.21
CA ASN A 365 25.27 22.35 -5.85
C ASN A 365 24.08 22.04 -4.95
N VAL A 366 23.34 21.00 -5.30
CA VAL A 366 22.14 20.66 -4.56
C VAL A 366 22.00 19.13 -4.47
N GLU A 367 21.49 18.66 -3.33
CA GLU A 367 21.37 17.23 -3.07
C GLU A 367 20.10 16.66 -3.71
N ARG A 368 20.28 15.61 -4.49
CA ARG A 368 19.16 14.97 -5.18
C ARG A 368 19.22 13.46 -5.07
N LEU A 369 18.05 12.82 -5.08
CA LEU A 369 17.98 11.37 -5.04
C LEU A 369 18.09 10.84 -6.46
N ALA A 370 18.63 9.65 -6.62
CA ALA A 370 18.88 9.14 -7.96
C ALA A 370 18.88 7.63 -8.06
N PHE A 371 18.96 7.16 -9.30
CA PHE A 371 19.00 5.74 -9.61
C PHE A 371 20.12 5.53 -10.61
N SER A 372 21.26 5.05 -10.13
CA SER A 372 22.47 5.05 -10.93
C SER A 372 22.82 3.67 -11.47
N VAL A 373 23.67 3.66 -12.50
CA VAL A 373 24.23 2.43 -13.03
C VAL A 373 25.73 2.61 -13.19
N PHE A 374 26.51 1.70 -12.63
CA PHE A 374 27.96 1.81 -12.70
C PHE A 374 28.56 0.66 -13.47
N TRP A 375 29.34 0.99 -14.50
CA TRP A 375 30.09 0.00 -15.24
C TRP A 375 31.56 0.16 -14.88
N LYS A 376 32.34 -0.87 -15.10
CA LYS A 376 33.78 -0.77 -15.00
C LYS A 376 34.35 -0.99 -16.39
N LEU A 377 34.80 0.10 -17.00
CA LEU A 377 35.14 0.10 -18.41
C LEU A 377 36.63 0.31 -18.60
N ASP A 378 37.07 0.23 -19.84
CA ASP A 378 38.46 0.45 -20.19
C ASP A 378 38.55 1.43 -21.36
N SER A 379 39.76 1.67 -21.85
CA SER A 379 39.99 2.74 -22.81
C SER A 379 39.43 2.42 -24.20
N ASN A 380 38.87 1.23 -24.35
CA ASN A 380 38.25 0.82 -25.60
C ASN A 380 36.73 0.66 -25.49
N GLY A 381 36.22 0.62 -24.27
CA GLY A 381 34.79 0.63 -24.05
C GLY A 381 34.29 -0.72 -23.60
N LYS A 382 35.22 -1.66 -23.43
CA LYS A 382 34.86 -3.03 -23.07
C LYS A 382 34.65 -3.13 -21.57
N GLU A 383 33.55 -3.74 -21.16
CA GLU A 383 33.29 -3.94 -19.74
C GLU A 383 34.30 -4.92 -19.18
N ILE A 384 34.89 -4.59 -18.04
CA ILE A 384 35.92 -5.43 -17.43
C ILE A 384 35.69 -5.64 -15.94
N GLY A 385 34.45 -5.42 -15.50
CA GLY A 385 34.09 -5.55 -14.11
C GLY A 385 32.59 -5.69 -13.95
N LYS A 386 32.15 -6.04 -12.75
CA LYS A 386 30.73 -6.29 -12.53
C LYS A 386 29.97 -4.98 -12.47
N ARG A 387 28.76 -4.98 -13.01
CA ARG A 387 27.93 -3.78 -13.02
C ARG A 387 27.40 -3.50 -11.63
N TRP A 388 26.89 -2.30 -11.44
CA TRP A 388 26.26 -1.95 -10.16
C TRP A 388 24.99 -1.17 -10.40
N PHE A 389 23.92 -1.58 -9.73
CA PHE A 389 22.66 -0.87 -9.80
C PHE A 389 22.20 -0.56 -8.38
N GLY A 390 21.49 0.55 -8.20
CA GLY A 390 20.99 0.88 -6.88
C GLY A 390 20.69 2.35 -6.67
N LYS A 391 20.10 2.65 -5.52
CA LYS A 391 19.67 4.01 -5.20
C LYS A 391 20.84 4.82 -4.67
N THR A 392 21.00 6.04 -5.18
CA THR A 392 22.11 6.89 -4.79
C THR A 392 21.66 8.28 -4.38
N VAL A 393 22.57 9.02 -3.75
CA VAL A 393 22.39 10.44 -3.50
C VAL A 393 23.50 11.19 -4.21
N ILE A 394 23.14 12.23 -4.96
CA ILE A 394 24.14 12.95 -5.74
C ILE A 394 24.04 14.46 -5.55
N LYS A 395 25.07 15.15 -6.00
CA LYS A 395 25.15 16.61 -5.91
C LYS A 395 25.95 17.12 -7.09
N THR A 396 25.26 17.25 -8.23
CA THR A 396 25.87 17.72 -9.47
C THR A 396 26.73 18.95 -9.26
N CYS A 397 27.84 19.04 -9.99
CA CYS A 397 28.82 20.09 -9.75
C CYS A 397 28.88 21.06 -10.92
N ALA A 398 28.26 20.70 -12.03
CA ALA A 398 28.22 21.57 -13.19
C ALA A 398 27.01 21.25 -14.07
N ARG A 399 26.50 22.28 -14.74
CA ARG A 399 25.37 22.11 -15.64
C ARG A 399 25.74 22.71 -16.99
N LEU A 400 26.17 21.84 -17.90
CA LEU A 400 26.65 22.27 -19.20
C LEU A 400 25.56 22.22 -20.27
N ALA A 401 25.90 22.74 -21.44
CA ALA A 401 25.05 22.65 -22.61
C ALA A 401 25.88 22.01 -23.71
N TYR A 402 25.23 21.37 -24.68
CA TYR A 402 25.96 20.65 -25.72
C TYR A 402 26.96 21.56 -26.44
N SER A 403 26.59 22.82 -26.61
CA SER A 403 27.48 23.78 -27.26
C SER A 403 28.68 24.13 -26.38
N GLU A 404 28.47 24.07 -25.06
CA GLU A 404 29.53 24.35 -24.10
C GLU A 404 30.43 23.14 -23.89
N ALA A 405 29.82 21.96 -23.77
CA ALA A 405 30.57 20.73 -23.62
C ALA A 405 31.36 20.41 -24.88
N GLN A 406 30.89 20.94 -26.00
CA GLN A 406 31.53 20.70 -27.29
C GLN A 406 32.85 21.47 -27.38
N GLY A 407 32.89 22.63 -26.70
CA GLY A 407 34.10 23.44 -26.67
C GLY A 407 35.21 22.73 -25.93
N VAL A 408 34.85 22.13 -24.80
CA VAL A 408 35.80 21.39 -23.97
C VAL A 408 36.36 20.20 -24.74
N ILE A 409 35.65 19.80 -25.78
CA ILE A 409 36.02 18.64 -26.58
C ILE A 409 36.90 19.07 -27.74
N GLU A 410 36.70 20.30 -28.21
CA GLU A 410 37.42 20.81 -29.37
C GLU A 410 38.75 21.49 -29.04
N GLY A 411 39.09 21.60 -27.76
CA GLY A 411 40.36 22.18 -27.39
C GLY A 411 40.19 23.36 -26.45
N LYS A 412 39.05 24.04 -26.57
CA LYS A 412 38.75 25.25 -25.80
C LYS A 412 39.01 25.13 -24.31
N SER A 413 39.17 26.27 -23.67
CA SER A 413 39.47 26.35 -22.25
C SER A 413 38.14 26.26 -21.54
N TRP A 414 38.16 26.27 -20.22
CA TRP A 414 36.91 26.11 -19.50
C TRP A 414 36.15 27.41 -19.37
N ASP A 415 36.88 28.51 -19.17
CA ASP A 415 36.24 29.82 -19.05
C ASP A 415 35.77 30.42 -20.38
N ASP A 416 36.40 30.03 -21.49
CA ASP A 416 35.94 30.51 -22.79
C ASP A 416 34.71 29.72 -23.22
N ALA A 417 34.79 28.40 -23.11
CA ALA A 417 33.70 27.54 -23.50
C ALA A 417 32.55 27.56 -22.49
N VAL A 418 32.86 27.76 -21.21
CA VAL A 418 31.85 27.71 -20.14
C VAL A 418 32.16 28.69 -19.00
N GLY A 419 31.46 29.82 -18.97
CA GLY A 419 31.77 30.85 -18.00
C GLY A 419 31.00 30.72 -16.70
N LYS A 420 31.00 29.52 -16.12
CA LYS A 420 30.28 29.25 -14.88
C LYS A 420 31.19 28.64 -13.81
N PRO A 421 30.81 28.81 -12.53
CA PRO A 421 31.60 28.19 -11.45
C PRO A 421 31.37 26.69 -11.34
N ILE A 422 32.16 26.04 -10.49
CA ILE A 422 32.04 24.61 -10.26
C ILE A 422 31.94 24.34 -8.77
N GLY A 423 31.05 23.43 -8.38
CA GLY A 423 30.83 23.17 -6.97
C GLY A 423 31.68 22.02 -6.44
N GLY A 424 31.56 21.78 -5.15
CA GLY A 424 32.35 20.74 -4.49
C GLY A 424 33.83 21.06 -4.49
N THR A 425 34.65 20.03 -4.44
CA THR A 425 36.09 20.19 -4.38
C THR A 425 36.69 20.05 -5.77
N HIS A 426 35.83 20.03 -6.78
CA HIS A 426 36.26 19.73 -8.14
C HIS A 426 36.72 20.97 -8.89
N THR A 427 37.56 20.74 -9.89
CA THR A 427 38.30 21.81 -10.54
C THR A 427 38.00 21.79 -12.03
N PRO A 428 38.06 22.96 -12.70
CA PRO A 428 37.87 23.04 -14.16
C PRO A 428 38.68 22.01 -14.93
N LYS A 429 39.77 21.50 -14.36
CA LYS A 429 40.60 20.51 -15.02
C LYS A 429 40.06 19.12 -14.73
N ASP A 430 39.65 18.92 -13.47
CA ASP A 430 39.03 17.68 -13.03
C ASP A 430 37.80 17.36 -13.89
N VAL A 431 37.19 18.40 -14.46
CA VAL A 431 35.93 18.24 -15.17
C VAL A 431 36.15 18.11 -16.69
N GLU A 432 37.22 18.68 -17.23
CA GLU A 432 37.49 18.55 -18.65
C GLU A 432 37.98 17.16 -19.02
N THR A 433 38.86 16.60 -18.20
CA THR A 433 39.43 15.30 -18.52
C THR A 433 38.35 14.23 -18.43
N SER A 434 37.37 14.44 -17.55
CA SER A 434 36.33 13.45 -17.34
C SER A 434 35.21 13.66 -18.36
N ILE A 435 35.30 14.74 -19.11
CA ILE A 435 34.44 14.97 -20.26
C ILE A 435 35.13 14.40 -21.47
N LEU A 436 36.45 14.54 -21.49
CA LEU A 436 37.25 14.12 -22.63
C LEU A 436 37.45 12.62 -22.61
N THR A 437 37.37 12.02 -21.43
CA THR A 437 37.44 10.58 -21.30
C THR A 437 36.11 9.97 -21.72
N LEU A 438 35.02 10.56 -21.26
CA LEU A 438 33.68 10.13 -21.65
C LEU A 438 33.47 10.27 -23.15
N CYS A 439 34.20 11.20 -23.76
CA CYS A 439 34.09 11.44 -25.19
C CYS A 439 34.87 10.40 -25.98
N GLU A 440 36.03 10.02 -25.47
CA GLU A 440 36.87 9.02 -26.14
C GLU A 440 36.25 7.63 -26.01
N ILE A 441 35.71 7.33 -24.84
CA ILE A 441 35.06 6.05 -24.58
C ILE A 441 33.80 5.90 -25.44
N SER A 442 33.08 7.01 -25.61
CA SER A 442 31.83 6.99 -26.36
C SER A 442 32.05 6.95 -27.87
N ARG A 443 33.26 7.29 -28.31
CA ARG A 443 33.59 7.20 -29.72
C ARG A 443 33.89 5.74 -30.06
N LYS A 444 34.20 4.96 -29.03
CA LYS A 444 34.48 3.55 -29.17
C LYS A 444 33.17 2.77 -29.12
N LEU A 445 32.46 2.91 -27.99
CA LEU A 445 31.10 2.39 -27.82
C LEU A 445 30.23 2.51 -29.07
N ARG A 446 30.38 3.61 -29.79
CA ARG A 446 29.52 3.90 -30.94
C ARG A 446 30.11 3.31 -32.22
N LYS A 447 31.41 3.01 -32.17
CA LYS A 447 32.08 2.34 -33.27
C LYS A 447 31.94 0.83 -33.13
N ASP A 448 31.55 0.40 -31.94
CA ASP A 448 31.31 -1.01 -31.71
C ASP A 448 29.90 -1.32 -32.20
N ARG A 449 29.00 -0.36 -32.02
CA ARG A 449 27.61 -0.55 -32.41
C ARG A 449 27.49 -0.63 -33.94
N PHE A 450 28.21 0.25 -34.64
CA PHE A 450 28.12 0.32 -36.09
C PHE A 450 28.79 -0.87 -36.76
N ALA A 451 29.63 -1.57 -36.01
CA ALA A 451 30.32 -2.74 -36.54
C ALA A 451 29.43 -3.97 -36.36
N LYS A 452 28.44 -3.84 -35.48
CA LYS A 452 27.53 -4.94 -35.19
C LYS A 452 26.21 -4.82 -35.96
N GLY A 453 26.03 -3.72 -36.69
CA GLY A 453 24.83 -3.57 -37.52
C GLY A 453 24.08 -2.27 -37.36
N ALA A 454 24.37 -1.52 -36.30
CA ALA A 454 23.70 -0.25 -35.99
C ALA A 454 23.52 0.63 -37.22
N VAL A 455 22.49 1.48 -37.20
CA VAL A 455 22.13 2.25 -38.37
C VAL A 455 22.20 3.75 -38.10
N GLU A 456 22.89 4.45 -39.00
CA GLU A 456 23.11 5.89 -38.91
C GLU A 456 22.06 6.78 -39.54
N ILE A 457 21.22 7.39 -38.76
CA ILE A 457 20.24 8.20 -39.42
C ILE A 457 19.56 8.91 -38.35
N ASN A 458 19.63 10.23 -38.42
CA ASN A 458 19.02 11.02 -37.41
C ASN A 458 18.19 12.14 -37.96
N SER A 459 16.90 11.95 -37.87
CA SER A 459 15.88 12.93 -38.24
C SER A 459 16.10 14.43 -38.00
N THR A 460 15.64 15.21 -38.95
CA THR A 460 15.82 16.64 -38.88
C THR A 460 14.89 17.37 -38.02
N GLU A 461 15.43 18.12 -37.08
CA GLU A 461 14.66 18.96 -36.17
C GLU A 461 15.04 20.42 -36.28
N LEU A 462 14.06 21.25 -35.97
CA LEU A 462 14.23 22.68 -36.06
C LEU A 462 14.54 23.23 -34.67
N LYS A 463 15.38 24.25 -34.61
CA LYS A 463 15.66 24.91 -33.35
C LYS A 463 15.34 26.38 -33.51
N PHE A 464 14.42 26.87 -32.69
CA PHE A 464 13.97 28.25 -32.83
C PHE A 464 14.47 29.10 -31.67
N GLN A 465 14.60 30.40 -31.94
CA GLN A 465 14.84 31.37 -30.88
C GLN A 465 13.62 32.27 -30.83
N LEU A 466 13.00 32.36 -29.67
CA LEU A 466 11.75 33.10 -29.56
C LEU A 466 12.02 34.46 -28.95
N ASP A 467 11.16 35.43 -29.24
CA ASP A 467 11.38 36.79 -28.79
C ASP A 467 10.58 37.05 -27.52
N GLU A 468 10.45 38.32 -27.15
CA GLU A 468 9.77 38.71 -25.92
C GLU A 468 8.29 38.31 -25.99
N TYR A 469 7.74 38.32 -27.21
CA TYR A 469 6.36 37.95 -27.42
C TYR A 469 6.19 36.44 -27.62
N GLY A 470 7.30 35.75 -27.88
CA GLY A 470 7.27 34.32 -28.08
C GLY A 470 7.09 33.97 -29.54
N MET A 471 7.60 34.82 -30.41
CA MET A 471 7.54 34.59 -31.84
C MET A 471 8.95 34.38 -32.38
N PRO A 472 9.11 33.49 -33.38
CA PRO A 472 10.43 33.12 -33.88
C PRO A 472 11.19 34.24 -34.62
N ASN A 473 12.46 34.40 -34.28
CA ASN A 473 13.32 35.40 -34.90
C ASN A 473 14.58 34.72 -35.42
N LYS A 474 14.67 33.43 -35.11
CA LYS A 474 15.76 32.58 -35.59
C LYS A 474 15.25 31.16 -35.79
N CYS A 475 15.85 30.45 -36.73
CA CYS A 475 15.43 29.10 -37.08
C CYS A 475 16.56 28.33 -37.74
N GLU A 476 16.98 27.25 -37.10
CA GLU A 476 18.08 26.45 -37.61
C GLU A 476 17.79 24.96 -37.49
N VAL A 477 18.42 24.17 -38.35
CA VAL A 477 18.38 22.73 -38.22
C VAL A 477 19.38 22.34 -37.14
N TYR A 478 18.89 21.73 -36.07
CA TYR A 478 19.76 21.43 -34.95
C TYR A 478 20.72 20.32 -35.35
N GLU A 479 22.01 20.61 -35.28
CA GLU A 479 23.02 19.67 -35.73
C GLU A 479 23.71 19.01 -34.54
N GLN A 480 23.62 17.69 -34.50
CA GLN A 480 24.21 16.95 -33.40
C GLN A 480 25.73 17.02 -33.53
N THR A 481 26.40 17.02 -32.39
CA THR A 481 27.86 17.18 -32.37
C THR A 481 28.49 16.08 -31.53
N ASP A 482 29.79 16.21 -31.28
CA ASP A 482 30.52 15.21 -30.53
C ASP A 482 29.99 15.16 -29.10
N ALA A 483 29.61 16.31 -28.57
CA ALA A 483 29.02 16.41 -27.25
C ALA A 483 27.70 15.64 -27.18
N ASN A 484 26.92 15.70 -28.25
CA ASN A 484 25.66 14.97 -28.34
C ASN A 484 25.87 13.45 -28.31
N HIS A 485 26.84 12.99 -29.10
CA HIS A 485 27.11 11.56 -29.20
C HIS A 485 27.73 11.04 -27.91
N LEU A 486 28.14 11.95 -27.04
CA LEU A 486 28.73 11.57 -25.76
C LEU A 486 27.61 11.16 -24.80
N ILE A 487 26.52 11.91 -24.84
CA ILE A 487 25.39 11.66 -23.95
C ILE A 487 24.55 10.49 -24.45
N GLU A 488 24.19 10.55 -25.73
CA GLU A 488 23.42 9.49 -26.38
C GLU A 488 24.00 8.09 -26.09
N GLU A 489 25.32 7.96 -26.21
CA GLU A 489 25.96 6.65 -26.09
C GLU A 489 25.88 6.03 -24.70
N PHE A 490 25.78 6.86 -23.67
CA PHE A 490 25.73 6.34 -22.31
C PHE A 490 24.30 6.22 -21.82
N MET A 491 23.38 6.87 -22.54
CA MET A 491 21.96 6.69 -22.27
C MET A 491 21.53 5.38 -22.93
N LEU A 492 22.03 5.15 -24.15
CA LEU A 492 21.85 3.88 -24.83
C LEU A 492 22.38 2.73 -24.00
N LEU A 493 23.56 2.94 -23.41
CA LEU A 493 24.22 1.91 -22.61
C LEU A 493 23.44 1.66 -21.31
N ALA A 494 22.92 2.72 -20.72
CA ALA A 494 22.17 2.60 -19.47
C ALA A 494 20.80 1.98 -19.72
N ASN A 495 20.27 2.19 -20.92
CA ASN A 495 18.98 1.62 -21.29
C ASN A 495 19.14 0.14 -21.63
N ARG A 496 20.24 -0.18 -22.31
CA ARG A 496 20.58 -1.54 -22.67
C ARG A 496 20.81 -2.40 -21.42
N SER A 497 21.66 -1.89 -20.53
CA SER A 497 22.07 -2.63 -19.34
C SER A 497 20.91 -2.92 -18.40
N VAL A 498 19.92 -2.03 -18.39
CA VAL A 498 18.81 -2.18 -17.46
C VAL A 498 17.79 -3.13 -18.09
N ALA A 499 17.75 -3.12 -19.42
CA ALA A 499 16.88 -4.05 -20.15
C ALA A 499 17.39 -5.48 -19.98
N GLU A 500 18.69 -5.66 -20.22
CA GLU A 500 19.35 -6.95 -20.01
C GLU A 500 19.12 -7.49 -18.61
N HIS A 501 19.26 -6.64 -17.61
CA HIS A 501 19.17 -7.06 -16.22
C HIS A 501 17.77 -7.51 -15.80
N ILE A 502 16.78 -6.68 -16.11
CA ILE A 502 15.41 -6.96 -15.67
C ILE A 502 14.77 -8.06 -16.52
N SER A 503 15.22 -8.23 -17.76
CA SER A 503 14.67 -9.27 -18.64
C SER A 503 15.34 -10.63 -18.44
N LYS A 504 16.08 -10.78 -17.35
CA LYS A 504 16.73 -12.05 -17.04
C LYS A 504 16.38 -12.41 -15.61
N ASN A 505 15.68 -11.50 -14.94
CA ASN A 505 15.14 -11.73 -13.61
C ASN A 505 13.62 -11.83 -13.73
N PHE A 506 13.09 -11.28 -14.82
CA PHE A 506 11.67 -11.26 -15.12
C PHE A 506 11.50 -11.43 -16.62
N SER A 507 11.56 -12.68 -17.09
CA SER A 507 11.53 -12.93 -18.53
C SER A 507 10.12 -12.80 -19.11
N ASN A 508 9.13 -12.63 -18.26
CA ASN A 508 7.74 -12.59 -18.72
C ASN A 508 7.00 -11.31 -18.34
N ASN A 509 7.56 -10.53 -17.42
CA ASN A 509 6.88 -9.32 -16.95
C ASN A 509 7.72 -8.04 -17.09
N SER A 510 8.59 -7.99 -18.08
CA SER A 510 9.44 -6.80 -18.24
C SER A 510 9.01 -5.94 -19.41
N LEU A 511 9.07 -4.62 -19.22
CA LEU A 511 8.75 -3.67 -20.26
C LEU A 511 10.02 -3.28 -21.00
N LEU A 512 10.08 -3.62 -22.28
CA LEU A 512 11.27 -3.37 -23.08
C LEU A 512 10.87 -2.67 -24.37
N ARG A 513 11.86 -2.35 -25.20
CA ARG A 513 11.59 -1.65 -26.44
C ARG A 513 12.29 -2.36 -27.57
N ARG A 514 11.62 -2.42 -28.72
CA ARG A 514 12.16 -3.16 -29.85
C ARG A 514 11.89 -2.46 -31.16
N HIS A 515 12.76 -2.73 -32.13
CA HIS A 515 12.59 -2.19 -33.48
C HIS A 515 12.65 -3.38 -34.41
N ALA A 516 11.82 -3.36 -35.45
CA ALA A 516 11.70 -4.53 -36.30
C ALA A 516 12.40 -4.29 -37.62
N SER A 517 12.61 -5.37 -38.36
CA SER A 517 13.26 -5.31 -39.66
C SER A 517 12.40 -4.43 -40.56
N PRO A 518 13.01 -3.76 -41.55
CA PRO A 518 12.24 -2.76 -42.30
C PRO A 518 11.07 -3.40 -43.02
N LYS A 519 10.00 -2.64 -43.26
CA LYS A 519 8.90 -3.23 -43.98
C LYS A 519 9.30 -3.27 -45.44
N GLU A 520 9.44 -4.50 -45.96
CA GLU A 520 9.85 -4.71 -47.33
C GLU A 520 8.90 -4.04 -48.32
N LYS A 521 7.66 -3.89 -47.88
CA LYS A 521 6.63 -3.20 -48.66
C LYS A 521 6.92 -1.71 -48.79
N GLN A 522 7.41 -1.11 -47.72
CA GLN A 522 7.63 0.34 -47.68
C GLN A 522 9.09 0.72 -47.90
N ILE A 523 9.98 -0.27 -47.88
CA ILE A 523 11.39 -0.04 -48.19
C ILE A 523 11.60 -0.11 -49.69
N ASN A 524 10.50 -0.27 -50.42
CA ASN A 524 10.53 -0.34 -51.88
C ASN A 524 10.42 1.05 -52.48
N GLU A 525 9.37 1.78 -52.09
CA GLU A 525 9.19 3.17 -52.49
C GLU A 525 10.40 4.04 -52.15
N PHE A 526 11.31 3.51 -51.34
CA PHE A 526 12.52 4.20 -50.97
C PHE A 526 13.67 3.71 -51.84
N CYS A 527 13.73 2.40 -52.07
CA CYS A 527 14.69 1.83 -53.01
C CYS A 527 14.41 2.27 -54.45
N HIS A 528 13.13 2.20 -54.83
CA HIS A 528 12.66 2.72 -56.12
C HIS A 528 13.07 4.17 -56.31
N PHE A 529 12.76 5.00 -55.32
CA PHE A 529 13.03 6.43 -55.39
C PHE A 529 14.52 6.75 -55.47
N LEU A 530 15.33 5.96 -54.78
CA LEU A 530 16.77 6.17 -54.75
C LEU A 530 17.38 5.91 -56.12
N LYS A 531 16.89 4.87 -56.79
CA LYS A 531 17.34 4.52 -58.13
C LYS A 531 17.12 5.66 -59.11
N SER A 532 15.95 6.27 -59.04
CA SER A 532 15.60 7.44 -59.84
C SER A 532 16.70 8.51 -59.89
N MET A 533 17.46 8.59 -58.80
CA MET A 533 18.51 9.60 -58.62
C MET A 533 19.87 8.95 -58.81
N ASN A 534 19.85 7.80 -59.46
CA ASN A 534 21.01 6.95 -59.79
C ASN A 534 21.81 6.29 -58.67
N PHE A 535 21.11 5.48 -57.87
CA PHE A 535 21.72 4.77 -56.76
C PHE A 535 21.01 3.45 -56.48
N ASP A 536 21.78 2.39 -56.30
CA ASP A 536 21.20 1.12 -55.91
C ASP A 536 21.35 1.01 -54.40
N PHE A 537 20.25 0.81 -53.70
CA PHE A 537 20.29 0.81 -52.25
C PHE A 537 20.12 -0.62 -51.77
N ASP A 538 20.88 -0.98 -50.75
CA ASP A 538 20.89 -2.34 -50.26
C ASP A 538 20.25 -2.37 -48.87
N ALA A 539 19.26 -3.24 -48.67
CA ALA A 539 18.61 -3.31 -47.37
C ALA A 539 18.66 -4.71 -46.78
N SER A 540 19.39 -5.59 -47.46
CA SER A 540 19.52 -7.00 -47.09
C SER A 540 19.63 -7.27 -45.60
N SER A 541 20.34 -6.39 -44.90
CA SER A 541 20.51 -6.49 -43.46
C SER A 541 20.66 -5.10 -42.84
N SER A 542 21.05 -5.06 -41.57
CA SER A 542 21.30 -3.80 -40.87
C SER A 542 22.65 -3.22 -41.24
N ALA A 543 23.71 -4.02 -41.08
CA ALA A 543 25.04 -3.69 -41.55
C ALA A 543 25.02 -3.09 -42.96
N ALA A 544 24.37 -3.80 -43.87
CA ALA A 544 24.23 -3.38 -45.26
C ALA A 544 23.54 -2.03 -45.40
N PHE A 545 22.67 -1.71 -44.45
CA PHE A 545 21.87 -0.50 -44.51
C PHE A 545 22.75 0.72 -44.23
N ASN A 546 23.59 0.61 -43.22
CA ASN A 546 24.51 1.67 -42.84
C ASN A 546 25.57 1.89 -43.91
N ALA A 547 26.04 0.80 -44.48
CA ALA A 547 27.07 0.88 -45.51
C ALA A 547 26.52 1.60 -46.74
N SER A 548 25.23 1.42 -47.02
CA SER A 548 24.59 2.13 -48.13
C SER A 548 24.30 3.60 -47.79
N MET A 549 24.15 3.89 -46.50
CA MET A 549 23.84 5.26 -46.06
C MET A 549 25.14 6.04 -45.85
N VAL A 550 26.18 5.32 -45.45
CA VAL A 550 27.51 5.89 -45.33
C VAL A 550 28.05 6.09 -46.75
N ARG A 551 27.73 5.15 -47.64
CA ARG A 551 27.99 5.30 -49.07
C ARG A 551 27.42 6.61 -49.62
N LEU A 552 26.10 6.71 -49.64
CA LEU A 552 25.37 7.90 -50.10
C LEU A 552 26.07 9.23 -49.79
N ARG A 553 26.44 9.40 -48.52
CA ARG A 553 27.09 10.63 -48.08
C ARG A 553 28.39 10.92 -48.85
N SER A 554 28.90 9.91 -49.55
CA SER A 554 30.14 10.08 -50.29
C SER A 554 29.85 10.15 -51.79
N THR A 555 28.57 10.16 -52.14
CA THR A 555 28.17 10.19 -53.54
C THR A 555 27.40 11.47 -53.85
N PHE A 556 26.59 11.92 -52.90
CA PHE A 556 25.75 13.10 -53.08
C PHE A 556 26.28 14.25 -52.22
N ASN A 557 25.67 15.42 -52.34
CA ASN A 557 26.04 16.56 -51.52
C ASN A 557 25.79 16.25 -50.04
N GLU A 558 26.18 17.16 -49.16
CA GLU A 558 26.02 16.92 -47.72
C GLU A 558 24.63 17.35 -47.27
N GLU A 559 24.09 18.37 -47.92
CA GLU A 559 22.76 18.87 -47.60
C GLU A 559 21.66 17.93 -48.07
N LEU A 560 21.70 17.55 -49.34
CA LEU A 560 20.74 16.61 -49.92
C LEU A 560 20.75 15.26 -49.21
N VAL A 561 21.94 14.80 -48.82
CA VAL A 561 22.10 13.57 -48.06
C VAL A 561 21.18 13.51 -46.84
N GLU A 562 21.03 14.65 -46.16
CA GLU A 562 20.14 14.80 -45.02
C GLU A 562 18.75 14.27 -45.33
N LEU A 563 18.18 14.73 -46.44
CA LEU A 563 16.84 14.34 -46.88
C LEU A 563 16.69 12.83 -46.85
N PHE A 564 17.61 12.15 -47.54
CA PHE A 564 17.61 10.70 -47.60
C PHE A 564 17.48 10.09 -46.21
N GLU A 565 18.22 10.64 -45.25
CA GLU A 565 18.13 10.20 -43.85
C GLU A 565 16.73 10.36 -43.30
N ASN A 566 16.13 11.55 -43.49
CA ASN A 566 14.75 11.78 -43.10
C ASN A 566 13.82 10.77 -43.77
N MET A 567 14.13 10.46 -45.02
CA MET A 567 13.38 9.46 -45.78
C MET A 567 13.67 8.05 -45.29
N ALA A 568 14.95 7.69 -45.28
CA ALA A 568 15.46 6.45 -44.69
C ALA A 568 14.70 6.04 -43.43
N VAL A 569 14.60 6.97 -42.49
CA VAL A 569 13.91 6.75 -41.23
C VAL A 569 12.49 6.24 -41.46
N ARG A 570 11.71 7.02 -42.20
CA ARG A 570 10.34 6.65 -42.55
C ARG A 570 10.22 5.28 -43.21
N SER A 571 11.27 4.86 -43.92
CA SER A 571 11.26 3.57 -44.59
C SER A 571 11.34 2.44 -43.56
N LEU A 572 12.12 2.66 -42.51
CA LEU A 572 12.28 1.65 -41.47
C LEU A 572 11.09 1.75 -40.52
N ASN A 573 10.67 0.60 -39.99
CA ASN A 573 9.53 0.54 -39.09
C ASN A 573 9.69 1.42 -37.85
N ARG A 574 8.62 1.53 -37.07
CA ARG A 574 8.65 2.33 -35.85
C ARG A 574 8.93 1.42 -34.66
N ALA A 575 9.63 1.95 -33.67
CA ALA A 575 9.94 1.16 -32.48
C ALA A 575 8.73 1.17 -31.56
N GLU A 576 8.66 0.18 -30.67
CA GLU A 576 7.49 0.02 -29.84
C GLU A 576 7.81 -0.65 -28.51
N TYR A 577 7.05 -0.28 -27.49
CA TYR A 577 7.16 -0.96 -26.20
C TYR A 577 6.39 -2.27 -26.26
N PHE A 578 6.83 -3.24 -25.49
CA PHE A 578 6.16 -4.53 -25.43
C PHE A 578 6.48 -5.18 -24.09
N CYS A 579 5.67 -6.15 -23.71
CA CYS A 579 5.93 -6.88 -22.48
C CYS A 579 6.56 -8.19 -22.90
N THR A 580 7.64 -8.58 -22.22
CA THR A 580 8.45 -9.72 -22.62
C THR A 580 7.67 -11.04 -22.61
N GLY A 581 6.58 -11.09 -21.86
CA GLY A 581 5.78 -12.28 -21.73
C GLY A 581 4.98 -12.59 -22.99
N ASP A 582 4.91 -11.61 -23.89
CA ASP A 582 4.10 -11.75 -25.10
C ASP A 582 4.85 -12.24 -26.32
N PHE A 583 6.10 -12.67 -26.17
CA PHE A 583 6.88 -12.96 -27.36
C PHE A 583 7.71 -14.26 -27.34
N GLY A 584 8.24 -14.64 -26.18
CA GLY A 584 8.82 -15.96 -26.03
C GLY A 584 10.13 -16.22 -26.74
N GLU A 585 10.29 -15.64 -27.93
CA GLU A 585 11.53 -15.75 -28.70
C GLU A 585 12.35 -14.48 -28.56
N LYS A 586 13.57 -14.61 -28.07
CA LYS A 586 14.46 -13.47 -27.86
C LYS A 586 14.76 -12.71 -29.15
N THR A 587 14.76 -13.43 -30.28
CA THR A 587 15.07 -12.83 -31.57
C THR A 587 14.07 -11.73 -31.91
N ASP A 588 12.94 -11.74 -31.20
CA ASP A 588 11.84 -10.83 -31.48
C ASP A 588 12.00 -9.56 -30.64
N TRP A 589 12.93 -9.60 -29.69
CA TRP A 589 13.19 -8.47 -28.80
C TRP A 589 14.13 -7.48 -29.48
N HIS A 590 14.72 -7.93 -30.58
CA HIS A 590 15.75 -7.19 -31.28
C HIS A 590 15.36 -5.76 -31.59
N HIS A 591 16.34 -4.85 -31.53
CA HIS A 591 16.12 -3.47 -31.95
C HIS A 591 16.97 -3.22 -33.19
N TYR A 592 16.32 -3.19 -34.35
CA TYR A 592 16.97 -3.07 -35.64
C TYR A 592 18.03 -1.97 -35.72
N ALA A 593 17.59 -0.72 -35.57
CA ALA A 593 18.46 0.43 -35.79
C ALA A 593 19.63 0.49 -34.81
N LEU A 594 19.33 0.30 -33.52
CA LEU A 594 20.35 0.28 -32.49
C LEU A 594 21.23 -0.96 -32.57
N SER A 595 20.65 -2.04 -33.08
CA SER A 595 21.32 -3.34 -33.21
C SER A 595 21.57 -3.92 -31.83
N PHE A 596 20.60 -3.75 -30.95
CA PHE A 596 20.67 -4.29 -29.60
C PHE A 596 19.82 -5.55 -29.52
N ASN A 597 20.13 -6.40 -28.56
CA ASN A 597 19.32 -7.60 -28.34
C ASN A 597 18.35 -7.32 -27.20
N HIS A 598 18.72 -6.34 -26.38
CA HIS A 598 17.86 -5.87 -25.31
C HIS A 598 17.82 -4.35 -25.38
N TYR A 599 16.67 -3.76 -25.11
CA TYR A 599 16.55 -2.31 -25.07
C TYR A 599 15.24 -1.89 -24.40
N THR A 600 15.32 -0.85 -23.58
CA THR A 600 14.14 -0.24 -23.01
C THR A 600 14.35 1.26 -22.84
N HIS A 601 13.54 1.88 -21.99
CA HIS A 601 13.69 3.28 -21.70
C HIS A 601 13.82 3.43 -20.18
N PHE A 602 14.89 4.06 -19.73
CA PHE A 602 15.24 4.08 -18.32
C PHE A 602 15.70 5.46 -17.86
N THR A 603 16.19 6.25 -18.80
CA THR A 603 16.90 7.47 -18.47
C THR A 603 16.05 8.74 -18.56
N SER A 604 14.74 8.57 -18.73
CA SER A 604 13.85 9.72 -18.83
C SER A 604 12.51 9.57 -18.08
N PRO A 605 12.55 9.17 -16.79
CA PRO A 605 11.32 8.94 -16.05
C PRO A 605 10.49 10.20 -15.81
N ILE A 606 11.09 11.37 -16.04
CA ILE A 606 10.39 12.63 -15.80
C ILE A 606 9.58 13.08 -17.02
N ARG A 607 9.82 12.46 -18.18
CA ARG A 607 9.09 12.81 -19.38
C ARG A 607 8.50 11.60 -20.10
N ARG A 608 8.79 10.41 -19.58
CA ARG A 608 8.21 9.18 -20.13
C ARG A 608 7.64 8.33 -18.99
N TYR A 609 6.58 7.58 -19.27
CA TYR A 609 6.01 6.70 -18.26
C TYR A 609 6.56 5.26 -18.28
N PRO A 610 6.92 4.72 -19.46
CA PRO A 610 7.62 3.43 -19.42
C PRO A 610 8.84 3.43 -18.51
N ASP A 611 9.61 4.51 -18.54
CA ASP A 611 10.78 4.66 -17.67
C ASP A 611 10.43 4.54 -16.19
N ILE A 612 9.16 4.73 -15.84
CA ILE A 612 8.74 4.68 -14.45
C ILE A 612 8.41 3.23 -14.10
N ILE A 613 7.96 2.48 -15.09
CA ILE A 613 7.64 1.07 -14.88
C ILE A 613 8.95 0.30 -14.80
N VAL A 614 9.90 0.65 -15.66
CA VAL A 614 11.20 0.00 -15.69
C VAL A 614 12.03 0.27 -14.43
N HIS A 615 11.94 1.48 -13.89
CA HIS A 615 12.62 1.82 -12.64
C HIS A 615 12.09 0.97 -11.49
N ARG A 616 10.78 0.69 -11.51
CA ARG A 616 10.16 -0.11 -10.47
C ARG A 616 10.52 -1.59 -10.64
N LEU A 617 10.77 -1.98 -11.88
CA LEU A 617 11.18 -3.34 -12.19
C LEU A 617 12.64 -3.57 -11.81
N LEU A 618 13.46 -2.55 -12.06
CA LEU A 618 14.88 -2.61 -11.72
C LEU A 618 15.07 -2.69 -10.21
N GLU A 619 14.28 -1.91 -9.48
CA GLU A 619 14.40 -1.85 -8.03
C GLU A 619 13.93 -3.14 -7.38
N ARG A 620 13.04 -3.85 -8.07
CA ARG A 620 12.45 -5.06 -7.50
C ARG A 620 13.26 -6.29 -7.92
N SER A 621 14.08 -6.13 -8.96
CA SER A 621 14.97 -7.20 -9.39
C SER A 621 16.29 -7.12 -8.62
N LEU A 622 16.39 -6.11 -7.77
CA LEU A 622 17.58 -5.91 -6.94
C LEU A 622 17.30 -6.40 -5.54
N LYS A 623 16.01 -6.47 -5.20
CA LYS A 623 15.59 -7.01 -3.92
C LYS A 623 15.23 -8.49 -4.06
N ASN A 624 15.39 -9.01 -5.28
CA ASN A 624 15.03 -10.38 -5.62
C ASN A 624 13.61 -10.74 -5.17
N THR A 625 12.62 -10.30 -5.92
CA THR A 625 11.24 -10.46 -5.51
C THR A 625 10.43 -10.67 -6.80
N SER A 626 9.11 -10.49 -6.73
CA SER A 626 8.24 -10.67 -7.89
C SER A 626 8.14 -9.34 -8.64
N PRO A 627 7.88 -9.39 -9.95
CA PRO A 627 7.86 -8.20 -10.83
C PRO A 627 7.16 -6.97 -10.25
N GLY A 628 6.08 -7.18 -9.51
CA GLY A 628 5.33 -6.08 -8.93
C GLY A 628 4.22 -5.67 -9.87
N ILE A 629 4.47 -5.84 -11.16
CA ILE A 629 3.48 -5.61 -12.20
C ILE A 629 3.17 -6.95 -12.87
N ASP A 630 1.98 -7.09 -13.46
CA ASP A 630 1.64 -8.37 -14.09
C ASP A 630 1.61 -8.23 -15.60
N LYS A 631 1.48 -9.37 -16.28
CA LYS A 631 1.53 -9.44 -17.74
C LYS A 631 0.52 -8.53 -18.42
N LYS A 632 -0.76 -8.67 -18.06
CA LYS A 632 -1.81 -7.87 -18.68
C LYS A 632 -1.52 -6.37 -18.55
N ASN A 633 -1.25 -5.93 -17.33
CA ASN A 633 -0.97 -4.53 -17.06
C ASN A 633 0.33 -4.06 -17.71
N CYS A 634 1.18 -5.04 -18.04
CA CYS A 634 2.44 -4.76 -18.73
C CYS A 634 2.18 -4.45 -20.20
N SER A 635 1.37 -5.28 -20.83
CA SER A 635 0.97 -5.08 -22.22
C SER A 635 0.13 -3.81 -22.35
N LEU A 636 -0.60 -3.48 -21.29
CA LEU A 636 -1.56 -2.39 -21.31
C LEU A 636 -0.83 -1.06 -21.31
N VAL A 637 0.24 -0.97 -20.53
CA VAL A 637 1.07 0.22 -20.49
C VAL A 637 1.84 0.35 -21.79
N ALA A 638 2.44 -0.74 -22.24
CA ALA A 638 3.24 -0.76 -23.46
C ALA A 638 2.43 -0.30 -24.66
N ALA A 639 1.16 -0.67 -24.70
CA ALA A 639 0.33 -0.40 -25.88
C ALA A 639 -0.30 0.99 -25.80
N HIS A 640 -0.51 1.48 -24.58
CA HIS A 640 -1.05 2.82 -24.40
C HIS A 640 0.06 3.84 -24.66
N CYS A 641 1.28 3.50 -24.27
CA CYS A 641 2.42 4.40 -24.45
C CYS A 641 2.93 4.36 -25.89
N ASN A 642 2.57 3.31 -26.63
CA ASN A 642 2.95 3.24 -28.03
C ASN A 642 2.08 4.19 -28.83
N GLU A 643 0.80 4.24 -28.47
CA GLU A 643 -0.17 5.07 -29.15
C GLU A 643 0.02 6.52 -28.73
N LYS A 644 0.14 6.73 -27.43
CA LYS A 644 0.27 8.09 -26.90
C LYS A 644 1.57 8.80 -27.33
N LYS A 645 2.60 8.04 -27.67
CA LYS A 645 3.91 8.61 -28.00
C LYS A 645 3.96 8.83 -29.51
N GLU A 646 2.95 8.31 -30.20
CA GLU A 646 2.85 8.46 -31.65
C GLU A 646 2.02 9.71 -31.92
N LYS A 647 1.16 10.05 -30.97
CA LYS A 647 0.47 11.33 -30.99
C LYS A 647 1.46 12.46 -30.72
N SER A 648 2.23 12.30 -29.66
CA SER A 648 3.19 13.30 -29.19
C SER A 648 4.22 13.67 -30.24
N THR A 649 4.66 12.69 -31.01
CA THR A 649 5.68 12.91 -32.03
C THR A 649 5.07 13.68 -33.20
N THR A 650 3.78 13.45 -33.43
CA THR A 650 3.09 14.08 -34.55
C THR A 650 2.83 15.54 -34.24
N VAL A 651 2.45 15.81 -32.99
CA VAL A 651 2.14 17.16 -32.55
C VAL A 651 3.42 17.99 -32.39
N GLN A 652 4.54 17.32 -32.18
CA GLN A 652 5.80 18.01 -31.91
C GLN A 652 6.49 18.44 -33.20
N GLU A 653 6.34 17.63 -34.25
CA GLU A 653 6.96 17.97 -35.53
C GLU A 653 6.03 18.92 -36.28
N ASP A 654 4.76 18.89 -35.91
CA ASP A 654 3.77 19.78 -36.52
C ASP A 654 3.86 21.15 -35.88
N SER A 655 4.30 21.20 -34.63
CA SER A 655 4.47 22.45 -33.93
C SER A 655 5.75 23.13 -34.37
N GLN A 656 6.67 22.35 -34.95
CA GLN A 656 7.92 22.90 -35.48
C GLN A 656 7.65 23.44 -36.87
N GLN A 657 6.63 22.87 -37.52
CA GLN A 657 6.26 23.28 -38.86
C GLN A 657 5.39 24.52 -38.82
N LEU A 658 4.71 24.71 -37.69
CA LEU A 658 3.88 25.90 -37.51
C LEU A 658 4.76 27.11 -37.24
N PHE A 659 5.82 26.92 -36.47
CA PHE A 659 6.70 28.01 -36.10
C PHE A 659 7.67 28.33 -37.23
N LEU A 660 7.88 27.35 -38.11
CA LEU A 660 8.65 27.58 -39.33
C LEU A 660 7.83 28.46 -40.25
N SER A 661 6.53 28.20 -40.30
CA SER A 661 5.61 28.97 -41.12
C SER A 661 5.48 30.40 -40.62
N VAL A 662 5.60 30.58 -39.30
CA VAL A 662 5.48 31.89 -38.69
C VAL A 662 6.76 32.69 -38.90
N TYR A 663 7.89 32.01 -38.74
CA TYR A 663 9.19 32.64 -38.91
C TYR A 663 9.39 33.16 -40.34
N ILE A 664 8.92 32.39 -41.32
CA ILE A 664 9.02 32.80 -42.72
C ILE A 664 8.14 34.02 -43.00
N ALA A 665 6.90 33.99 -42.49
CA ALA A 665 5.94 35.06 -42.70
C ALA A 665 6.34 36.34 -41.97
N GLU A 666 6.79 36.18 -40.73
CA GLU A 666 7.16 37.31 -39.90
C GLU A 666 8.62 37.70 -40.16
N TYR A 667 9.09 37.32 -41.34
CA TYR A 667 10.41 37.67 -41.83
C TYR A 667 10.18 38.58 -43.02
N CYS A 668 9.12 38.28 -43.79
CA CYS A 668 8.75 39.16 -44.89
C CYS A 668 7.87 40.30 -44.40
N LYS A 669 7.45 40.23 -43.14
CA LYS A 669 6.60 41.28 -42.57
C LYS A 669 7.54 42.20 -41.84
N LYS A 670 8.77 41.73 -41.62
CA LYS A 670 9.85 42.55 -41.10
C LYS A 670 10.59 43.21 -42.26
N HIS A 671 10.54 42.58 -43.44
CA HIS A 671 11.16 43.14 -44.62
C HIS A 671 10.14 43.39 -45.76
N ASP A 672 9.89 42.37 -46.60
CA ASP A 672 8.90 42.37 -47.64
C ASP A 672 9.02 41.08 -48.53
N LYS A 673 8.01 40.85 -49.36
CA LYS A 673 8.02 39.86 -50.45
C LYS A 673 8.34 38.53 -49.76
N LYS A 674 9.12 37.68 -50.43
CA LYS A 674 9.40 36.38 -50.00
C LYS A 674 10.80 35.94 -49.47
N SER A 675 10.84 35.20 -48.36
CA SER A 675 12.09 34.69 -47.81
C SER A 675 12.80 33.80 -48.83
N MET A 676 13.87 34.33 -49.41
CA MET A 676 14.59 33.68 -50.50
C MET A 676 15.64 32.67 -50.03
N PRO A 677 15.39 31.36 -50.27
CA PRO A 677 16.38 30.36 -49.91
C PRO A 677 17.22 29.97 -51.13
N VAL A 678 18.51 29.72 -50.93
CA VAL A 678 19.34 29.37 -52.07
C VAL A 678 19.69 27.90 -51.99
N GLN A 679 19.00 27.20 -51.08
CA GLN A 679 19.26 25.80 -50.85
C GLN A 679 18.15 24.91 -51.40
N ALA A 680 17.78 25.10 -52.65
CA ALA A 680 16.73 24.27 -53.22
C ALA A 680 17.31 23.21 -54.14
N PHE A 681 16.92 21.97 -53.89
CA PHE A 681 17.33 20.83 -54.70
C PHE A 681 16.16 20.23 -55.45
N ALA A 682 16.44 19.30 -56.36
CA ALA A 682 15.37 18.61 -57.06
C ALA A 682 15.33 17.17 -56.55
N THR A 683 14.16 16.54 -56.60
CA THR A 683 13.97 15.20 -56.06
C THR A 683 13.11 14.14 -56.81
N ARG A 684 12.76 14.31 -58.12
CA ARG A 684 12.65 15.59 -58.81
C ARG A 684 11.45 15.97 -59.66
N ILE A 685 11.37 15.40 -60.85
CA ILE A 685 10.40 15.85 -61.87
C ILE A 685 9.35 14.84 -62.22
N SER A 686 8.10 15.34 -62.19
CA SER A 686 6.84 14.62 -62.45
C SER A 686 5.85 15.29 -63.44
N GLY A 687 5.15 16.36 -63.05
CA GLY A 687 4.15 17.09 -63.86
C GLY A 687 4.80 17.72 -65.07
N ASN A 688 4.72 19.02 -65.36
CA ASN A 688 3.92 19.99 -64.58
C ASN A 688 4.33 20.45 -63.15
N SER A 689 5.32 19.84 -62.54
CA SER A 689 5.68 20.17 -61.17
C SER A 689 7.00 19.54 -60.76
N ILE A 690 7.98 20.36 -60.43
CA ILE A 690 9.23 19.85 -59.90
C ILE A 690 9.12 19.84 -58.37
N ASP A 691 9.73 18.84 -57.75
CA ASP A 691 9.68 18.68 -56.30
C ASP A 691 11.02 19.06 -55.69
N VAL A 692 10.98 19.94 -54.70
CA VAL A 692 12.21 20.51 -54.17
C VAL A 692 12.47 20.11 -52.72
N TYR A 693 13.69 20.38 -52.26
CA TYR A 693 14.07 20.10 -50.89
C TYR A 693 14.98 21.18 -50.36
N ILE A 694 14.44 22.03 -49.49
CA ILE A 694 15.21 23.10 -48.88
C ILE A 694 15.92 22.55 -47.64
N SER A 695 17.18 22.14 -47.82
CA SER A 695 17.98 21.53 -46.76
C SER A 695 17.98 22.41 -45.52
N GLU A 696 18.22 23.69 -45.73
CA GLU A 696 17.96 24.69 -44.73
C GLU A 696 16.51 24.42 -44.40
N TYR A 697 16.23 24.22 -43.11
CA TYR A 697 14.90 23.93 -42.52
C TYR A 697 14.46 22.47 -42.65
N GLY A 698 15.21 21.69 -43.42
CA GLY A 698 14.87 20.30 -43.69
C GLY A 698 13.46 20.08 -44.20
N ILE A 699 12.95 21.04 -44.97
CA ILE A 699 11.61 20.97 -45.52
C ILE A 699 11.60 20.54 -46.98
N SER A 700 10.64 19.68 -47.29
CA SER A 700 10.44 19.23 -48.67
C SER A 700 9.18 19.88 -49.23
N ASN A 701 9.24 20.33 -50.48
CA ASN A 701 8.10 21.07 -51.03
C ASN A 701 7.93 20.82 -52.53
N ARG A 702 7.23 21.72 -53.21
CA ARG A 702 6.90 21.54 -54.61
C ARG A 702 6.75 22.88 -55.30
N VAL A 703 7.16 22.93 -56.57
CA VAL A 703 7.01 24.14 -57.38
C VAL A 703 6.31 23.83 -58.70
N ASP A 704 5.36 24.70 -59.07
CA ASP A 704 4.54 24.49 -60.25
C ASP A 704 4.77 25.59 -61.28
N SER A 731 9.75 27.15 -72.78
CA SER A 731 11.19 27.31 -72.73
C SER A 731 11.75 26.39 -71.67
N GLN A 732 12.97 26.64 -71.24
CA GLN A 732 13.60 25.81 -70.22
C GLN A 732 14.99 26.31 -69.90
N LYS A 733 15.69 25.61 -69.00
CA LYS A 733 17.11 25.83 -68.72
C LYS A 733 17.80 24.57 -68.23
N THR A 734 17.21 23.43 -68.50
CA THR A 734 17.74 22.14 -68.13
C THR A 734 18.14 21.95 -66.70
N ILE A 735 17.16 21.84 -65.82
CA ILE A 735 17.42 21.60 -64.42
C ILE A 735 17.02 20.16 -64.18
N ALA A 736 17.89 19.34 -63.61
CA ALA A 736 17.52 17.95 -63.39
C ALA A 736 17.83 17.40 -62.04
N LEU A 737 17.25 16.26 -61.75
CA LEU A 737 17.42 15.60 -60.48
C LEU A 737 18.79 15.79 -59.87
N THR A 738 18.81 16.21 -58.62
CA THR A 738 20.05 16.43 -57.89
C THR A 738 20.74 17.76 -58.12
N ASP A 739 20.19 18.56 -59.00
CA ASP A 739 20.76 19.86 -59.38
C ASP A 739 20.27 20.83 -58.31
N ARG A 740 20.96 21.96 -58.20
CA ARG A 740 20.71 22.94 -57.15
C ARG A 740 20.36 24.30 -57.74
N PHE A 741 19.44 25.01 -57.09
CA PHE A 741 18.95 26.28 -57.59
C PHE A 741 18.22 27.03 -56.47
N GLN A 742 17.90 28.30 -56.72
CA GLN A 742 17.20 29.12 -55.74
C GLN A 742 15.69 29.10 -55.99
N VAL A 743 14.91 29.20 -54.93
CA VAL A 743 13.47 29.17 -55.03
C VAL A 743 12.83 30.36 -54.37
N TYR A 744 11.61 30.20 -53.89
CA TYR A 744 10.96 31.27 -53.25
C TYR A 744 9.82 30.89 -52.35
N LEU A 745 10.17 30.52 -51.12
CA LEU A 745 9.25 30.19 -50.05
C LEU A 745 8.29 31.31 -49.66
N TYR A 746 7.01 31.01 -49.40
CA TYR A 746 6.10 32.02 -48.96
C TYR A 746 5.32 31.34 -47.90
N SER A 747 4.75 32.08 -46.97
CA SER A 747 4.01 31.41 -45.90
C SER A 747 2.91 32.27 -45.28
N ASP A 748 1.80 31.62 -44.95
CA ASP A 748 0.69 32.22 -44.22
C ASP A 748 0.21 31.22 -43.17
N TYR A 749 -0.42 31.69 -42.09
CA TYR A 749 -0.77 30.78 -41.00
C TYR A 749 -1.98 31.18 -40.15
N SER A 750 -2.51 30.19 -39.43
CA SER A 750 -3.46 30.38 -38.33
C SER A 750 -4.82 30.98 -38.70
N ARG A 751 -5.85 30.69 -37.90
CA ARG A 751 -5.72 29.89 -36.68
C ARG A 751 -6.21 28.45 -36.85
N THR A 752 -6.56 28.09 -38.08
CA THR A 752 -7.03 26.75 -38.38
C THR A 752 -6.06 26.06 -39.34
N PHE A 753 -5.07 26.83 -39.82
CA PHE A 753 -4.15 26.35 -40.83
C PHE A 753 -2.79 27.04 -40.80
N PHE A 754 -1.79 26.40 -41.38
CA PHE A 754 -0.55 27.07 -41.75
C PHE A 754 -0.09 26.46 -43.07
N SER A 755 0.71 27.18 -43.83
CA SER A 755 1.13 26.69 -45.13
C SER A 755 2.44 27.30 -45.61
N ILE A 756 3.26 26.45 -46.23
CA ILE A 756 4.51 26.87 -46.85
C ILE A 756 4.46 26.54 -48.33
N ARG A 757 4.70 27.53 -49.18
CA ARG A 757 4.62 27.33 -50.62
C ARG A 757 5.84 27.93 -51.30
N CYS A 758 6.40 27.15 -52.21
CA CYS A 758 7.58 27.47 -52.97
C CYS A 758 7.16 27.84 -54.33
N SER A 759 7.95 28.64 -55.06
CA SER A 759 7.78 29.07 -56.46
C SER A 759 9.21 29.48 -56.87
N LEU A 760 9.30 30.35 -57.87
CA LEU A 760 10.58 30.84 -58.35
C LEU A 760 10.61 32.36 -58.43
N SER B 167 16.52 -48.92 16.22
CA SER B 167 15.39 -49.57 16.89
C SER B 167 15.76 -49.96 18.32
N SER B 168 16.68 -49.22 18.91
CA SER B 168 17.05 -49.41 20.30
C SER B 168 16.55 -48.18 21.04
N TYR B 169 15.84 -47.35 20.30
CA TYR B 169 15.30 -46.10 20.80
C TYR B 169 13.79 -46.20 20.97
N ALA B 170 13.23 -45.30 21.78
CA ALA B 170 11.79 -45.19 21.91
C ALA B 170 11.39 -43.79 21.47
N ILE B 171 10.13 -43.61 21.10
CA ILE B 171 9.70 -42.32 20.59
C ILE B 171 8.83 -41.62 21.61
N PHE B 172 9.17 -40.38 21.92
CA PHE B 172 8.42 -39.60 22.88
C PHE B 172 7.74 -38.45 22.14
N ILE B 173 6.42 -38.39 22.23
CA ILE B 173 5.67 -37.33 21.56
C ILE B 173 5.15 -36.34 22.58
N PRO B 174 5.60 -35.08 22.48
CA PRO B 174 5.23 -34.07 23.47
C PRO B 174 3.79 -33.63 23.29
N LYS B 175 3.13 -33.25 24.39
CA LYS B 175 1.79 -32.70 24.32
C LYS B 175 1.85 -31.33 23.67
N ASP B 176 3.05 -30.76 23.62
CA ASP B 176 3.29 -29.46 23.01
C ASP B 176 3.70 -29.67 21.56
N LYS B 177 2.84 -29.24 20.63
CA LYS B 177 3.04 -29.48 19.21
C LYS B 177 4.16 -28.63 18.61
N ARG B 178 4.68 -27.69 19.40
CA ARG B 178 5.73 -26.80 18.90
C ARG B 178 7.11 -27.46 19.00
N LEU B 179 7.22 -28.47 19.85
CA LEU B 179 8.48 -29.19 19.99
C LEU B 179 8.45 -30.36 19.02
N PRO B 180 9.63 -30.86 18.62
CA PRO B 180 9.60 -32.01 17.73
C PRO B 180 9.47 -33.31 18.51
N PHE B 181 9.61 -34.44 17.83
CA PHE B 181 9.60 -35.73 18.50
C PHE B 181 10.93 -35.88 19.23
N ILE B 182 10.92 -36.52 20.38
CA ILE B 182 12.17 -36.74 21.11
C ILE B 182 12.41 -38.24 21.31
N THR B 183 13.65 -38.67 21.08
CA THR B 183 13.99 -40.09 21.15
C THR B 183 14.78 -40.43 22.41
N ILE B 184 14.31 -41.45 23.11
CA ILE B 184 15.01 -41.96 24.28
C ILE B 184 15.49 -43.37 23.98
N HIS B 185 16.51 -43.82 24.68
CA HIS B 185 17.16 -45.09 24.36
C HIS B 185 16.72 -46.13 25.37
N LYS B 186 16.59 -47.37 24.91
CA LYS B 186 16.18 -48.50 25.75
C LYS B 186 16.83 -48.53 27.14
N ASN B 187 18.02 -47.96 27.25
CA ASN B 187 18.75 -47.95 28.50
C ASN B 187 18.38 -46.73 29.35
N ASP B 188 17.74 -45.76 28.71
CA ASP B 188 17.46 -44.47 29.35
C ASP B 188 15.99 -44.31 29.74
N LEU B 189 15.28 -45.44 29.85
CA LEU B 189 13.86 -45.41 30.20
C LEU B 189 13.66 -45.25 31.71
N SER B 190 14.78 -45.18 32.43
CA SER B 190 14.82 -45.02 33.89
C SER B 190 13.94 -46.14 34.44
N ASP B 191 13.22 -45.82 35.51
CA ASP B 191 12.45 -46.80 36.27
C ASP B 191 12.01 -48.10 35.60
N LEU B 192 11.50 -47.95 34.39
CA LEU B 192 10.96 -49.04 33.63
C LEU B 192 11.61 -49.08 32.29
N SER B 193 12.47 -50.06 32.09
CA SER B 193 13.17 -50.16 30.84
C SER B 193 14.06 -51.33 31.07
N GLY B 194 14.62 -51.85 29.99
CA GLY B 194 15.57 -52.93 30.06
C GLY B 194 14.98 -54.30 29.90
N GLU B 195 14.00 -54.62 30.71
CA GLU B 195 13.41 -55.95 30.71
C GLU B 195 12.16 -55.93 29.83
N ASN B 196 12.26 -56.53 28.65
CA ASN B 196 11.22 -56.45 27.62
C ASN B 196 10.59 -55.06 27.60
N TRP B 197 11.44 -54.05 27.63
CA TRP B 197 11.05 -52.64 27.64
C TRP B 197 10.02 -52.24 26.59
N ILE B 198 9.93 -53.02 25.51
CA ILE B 198 8.97 -52.74 24.46
C ILE B 198 7.57 -53.13 24.93
N GLU B 199 7.52 -53.83 26.06
CA GLU B 199 6.26 -54.24 26.67
C GLU B 199 5.91 -53.32 27.85
N ASN B 200 6.93 -52.82 28.54
CA ASN B 200 6.73 -51.87 29.62
C ASN B 200 6.24 -50.53 29.08
N ILE B 201 6.75 -50.15 27.92
CA ILE B 201 6.34 -48.92 27.25
C ILE B 201 5.04 -49.14 26.48
N LEU B 202 4.34 -50.22 26.80
CA LEU B 202 3.08 -50.55 26.13
C LEU B 202 1.99 -50.74 27.18
N LYS B 203 2.38 -51.17 28.37
CA LYS B 203 1.47 -51.20 29.52
C LYS B 203 1.41 -49.81 30.15
N HIS B 204 1.99 -48.84 29.44
CA HIS B 204 2.12 -47.46 29.91
C HIS B 204 1.75 -46.50 28.79
N HIS B 205 1.03 -47.00 27.80
CA HIS B 205 0.77 -46.25 26.57
C HIS B 205 -0.19 -45.08 26.79
N ASP B 206 -0.81 -45.02 27.96
CA ASP B 206 -1.79 -43.98 28.24
C ASP B 206 -1.18 -42.88 29.11
N GLN B 207 -0.29 -43.29 30.02
CA GLN B 207 0.32 -42.37 30.97
C GLN B 207 1.15 -41.28 30.28
N LEU B 208 1.38 -40.19 30.99
CA LEU B 208 2.22 -39.12 30.49
C LEU B 208 3.49 -39.09 31.32
N PHE B 209 4.60 -38.71 30.70
CA PHE B 209 5.87 -38.73 31.40
C PHE B 209 6.59 -37.39 31.33
N SER B 210 7.71 -37.30 32.04
CA SER B 210 8.59 -36.15 31.90
C SER B 210 9.82 -36.62 31.13
N VAL B 211 10.42 -35.71 30.37
CA VAL B 211 11.62 -36.03 29.64
C VAL B 211 12.46 -34.76 29.61
N GLU B 212 13.77 -34.91 29.45
CA GLU B 212 14.65 -33.76 29.37
C GLU B 212 15.54 -33.95 28.16
N ILE B 213 15.43 -33.04 27.20
CA ILE B 213 16.23 -33.13 26.00
C ILE B 213 17.69 -33.03 26.42
N THR B 214 18.54 -33.85 25.82
CA THR B 214 19.94 -33.93 26.23
C THR B 214 20.83 -33.29 25.18
N ARG B 215 20.86 -33.89 23.99
CA ARG B 215 21.69 -33.38 22.91
C ARG B 215 20.95 -33.46 21.59
N TRP B 216 21.32 -32.58 20.67
CA TRP B 216 20.73 -32.58 19.33
C TRP B 216 21.83 -32.58 18.28
N SER B 217 22.26 -33.78 17.89
CA SER B 217 23.38 -33.92 16.97
C SER B 217 22.97 -33.52 15.56
N ILE B 218 23.87 -32.86 14.84
CA ILE B 218 23.60 -32.42 13.47
C ILE B 218 23.52 -33.59 12.48
N TYR B 219 23.34 -34.79 13.01
CA TYR B 219 23.17 -35.99 12.22
C TYR B 219 22.02 -36.79 12.81
N SER B 220 21.20 -36.10 13.59
CA SER B 220 20.03 -36.72 14.19
C SER B 220 18.78 -35.93 13.82
N ARG B 221 17.91 -36.56 13.03
CA ARG B 221 16.62 -35.99 12.69
C ARG B 221 15.89 -35.54 13.96
N TRP B 222 15.60 -36.47 14.84
CA TRP B 222 14.93 -36.11 16.08
C TRP B 222 16.00 -35.99 17.17
N PRO B 223 15.76 -35.20 18.22
CA PRO B 223 16.75 -34.98 19.27
C PRO B 223 16.71 -36.09 20.33
N MET B 224 17.71 -36.13 21.19
CA MET B 224 17.83 -37.19 22.18
C MET B 224 17.32 -36.71 23.52
N GLY B 225 16.88 -37.65 24.35
CA GLY B 225 16.41 -37.32 25.68
C GLY B 225 16.53 -38.50 26.61
N VAL B 226 16.28 -38.24 27.89
CA VAL B 226 16.34 -39.28 28.90
C VAL B 226 15.07 -39.21 29.73
N LEU B 227 14.34 -40.32 29.78
CA LEU B 227 13.06 -40.39 30.45
C LEU B 227 13.13 -39.94 31.91
N GLY B 228 12.12 -39.18 32.33
CA GLY B 228 12.03 -38.74 33.70
C GLY B 228 11.08 -39.64 34.45
N GLU B 229 10.18 -39.04 35.22
CA GLU B 229 9.23 -39.83 36.00
C GLU B 229 7.90 -39.95 35.28
N LYS B 230 7.04 -40.84 35.78
CA LYS B 230 5.70 -40.97 35.26
C LYS B 230 4.87 -39.86 35.89
N LEU B 231 3.88 -39.35 35.15
CA LEU B 231 3.09 -38.24 35.65
C LEU B 231 1.66 -38.68 35.86
N GLY B 232 1.42 -39.35 36.99
CA GLY B 232 0.13 -39.94 37.29
C GLY B 232 -0.93 -38.88 37.49
N ASN B 233 -0.53 -37.77 38.10
CA ASN B 233 -1.46 -36.68 38.39
C ASN B 233 -1.87 -35.94 37.12
N ILE B 234 -0.90 -35.63 36.26
CA ILE B 234 -1.19 -34.96 34.98
C ILE B 234 -1.95 -35.86 34.04
N THR B 235 -1.55 -37.13 34.00
CA THR B 235 -2.24 -38.14 33.20
C THR B 235 -3.70 -38.16 33.60
N ASP B 236 -3.92 -38.05 34.90
CA ASP B 236 -5.25 -38.04 35.48
C ASP B 236 -6.06 -36.81 35.02
N VAL B 237 -5.42 -35.64 35.02
CA VAL B 237 -6.09 -34.41 34.65
C VAL B 237 -6.43 -34.39 33.15
N GLU B 238 -5.47 -34.80 32.34
CA GLU B 238 -5.64 -34.78 30.88
C GLU B 238 -6.70 -35.77 30.42
N ALA B 239 -6.89 -36.83 31.21
CA ALA B 239 -7.82 -37.89 30.84
C ALA B 239 -9.26 -37.49 31.16
N TYR B 240 -9.46 -36.73 32.23
CA TYR B 240 -10.79 -36.21 32.54
C TYR B 240 -11.18 -35.15 31.51
N THR B 241 -10.22 -34.29 31.19
CA THR B 241 -10.43 -33.22 30.21
C THR B 241 -10.80 -33.84 28.86
N ASN B 242 -10.25 -35.01 28.59
CA ASN B 242 -10.51 -35.70 27.32
C ASN B 242 -11.90 -36.31 27.30
N ALA B 243 -12.36 -36.80 28.44
CA ALA B 243 -13.66 -37.45 28.53
C ALA B 243 -14.77 -36.41 28.57
N LEU B 244 -14.45 -35.26 29.18
CA LEU B 244 -15.41 -34.16 29.29
C LEU B 244 -15.72 -33.58 27.91
N LEU B 245 -14.72 -33.59 27.02
CA LEU B 245 -14.90 -33.06 25.68
C LEU B 245 -15.69 -34.01 24.79
N LEU B 246 -15.63 -35.30 25.12
CA LEU B 246 -16.29 -36.33 24.33
C LEU B 246 -17.75 -36.44 24.76
N GLU B 247 -17.95 -36.37 26.07
CA GLU B 247 -19.29 -36.43 26.67
C GLU B 247 -20.18 -35.29 26.18
N ASN B 248 -19.57 -34.23 25.66
CA ASN B 248 -20.30 -33.05 25.25
C ASN B 248 -20.27 -32.81 23.73
N GLY B 249 -19.61 -33.73 23.02
CA GLY B 249 -19.66 -33.73 21.57
C GLY B 249 -18.77 -32.69 20.93
N ILE B 250 -17.76 -32.23 21.66
CA ILE B 250 -16.82 -31.25 21.13
C ILE B 250 -15.65 -31.94 20.45
N SER B 251 -15.48 -31.68 19.17
CA SER B 251 -14.38 -32.28 18.42
C SER B 251 -13.10 -31.53 18.72
N SER B 252 -12.01 -32.27 18.94
CA SER B 252 -10.74 -31.66 19.31
C SER B 252 -9.60 -32.39 18.62
N SER B 253 -9.86 -32.84 17.39
CA SER B 253 -8.88 -33.58 16.62
C SER B 253 -8.10 -32.59 15.75
N PRO B 254 -7.02 -33.03 15.11
CA PRO B 254 -6.37 -32.08 14.21
C PRO B 254 -7.24 -31.78 13.00
N PHE B 255 -6.98 -30.67 12.32
CA PHE B 255 -7.82 -30.26 11.21
C PHE B 255 -7.52 -31.16 10.02
N SER B 256 -8.57 -31.56 9.31
CA SER B 256 -8.42 -32.42 8.14
C SER B 256 -7.49 -31.79 7.11
N ASP B 257 -7.12 -32.56 6.10
CA ASP B 257 -6.20 -32.08 5.09
C ASP B 257 -6.95 -31.25 4.06
N GLU B 258 -8.27 -31.36 4.09
CA GLU B 258 -9.13 -30.56 3.22
C GLU B 258 -9.37 -29.18 3.83
N VAL B 259 -9.26 -29.11 5.16
CA VAL B 259 -9.39 -27.85 5.88
C VAL B 259 -8.11 -27.04 5.74
N LEU B 260 -6.98 -27.71 5.97
CA LEU B 260 -5.67 -27.06 5.90
C LEU B 260 -5.32 -26.61 4.49
N ASN B 261 -6.09 -27.07 3.49
CA ASN B 261 -5.82 -26.73 2.10
C ASN B 261 -6.72 -25.61 1.60
N CYS B 262 -7.69 -25.22 2.44
CA CYS B 262 -8.53 -24.08 2.14
C CYS B 262 -7.94 -22.85 2.81
N LEU B 263 -6.77 -23.06 3.43
CA LEU B 263 -6.05 -22.01 4.11
C LEU B 263 -5.19 -21.25 3.10
N PRO B 264 -4.90 -19.98 3.38
CA PRO B 264 -3.90 -19.31 2.55
C PRO B 264 -2.55 -19.94 2.84
N PRO B 265 -1.55 -19.71 1.98
CA PRO B 265 -0.28 -20.40 2.23
C PRO B 265 0.48 -19.76 3.40
N ASP B 266 1.37 -20.54 4.02
CA ASP B 266 2.13 -20.09 5.18
C ASP B 266 2.92 -18.82 4.88
N ASP B 267 3.21 -18.61 3.60
CA ASP B 267 4.00 -17.46 3.18
C ASP B 267 3.12 -16.32 2.66
N TRP B 268 1.89 -16.23 3.16
CA TRP B 268 0.97 -15.22 2.67
C TRP B 268 1.35 -13.86 3.23
N ILE B 269 1.12 -12.83 2.42
CA ILE B 269 1.48 -11.47 2.79
C ILE B 269 0.46 -10.51 2.22
N ILE B 270 0.32 -9.36 2.89
CA ILE B 270 -0.59 -8.34 2.43
C ILE B 270 -0.03 -7.71 1.16
N SER B 271 -0.82 -7.74 0.09
CA SER B 271 -0.35 -7.20 -1.18
C SER B 271 -0.67 -5.72 -1.28
N HIS B 272 0.07 -5.02 -2.12
CA HIS B 272 -0.12 -3.58 -2.30
C HIS B 272 -1.48 -3.31 -2.92
N GLU B 273 -1.91 -4.22 -3.77
CA GLU B 273 -3.23 -4.13 -4.41
C GLU B 273 -4.35 -4.36 -3.41
N GLU B 274 -4.02 -4.94 -2.25
CA GLU B 274 -5.01 -5.20 -1.22
C GLU B 274 -5.10 -4.00 -0.28
N ILE B 275 -3.99 -3.31 -0.09
CA ILE B 275 -4.00 -2.08 0.71
C ILE B 275 -4.68 -0.97 -0.09
N LYS B 276 -4.77 -1.16 -1.40
CA LYS B 276 -5.26 -0.10 -2.28
C LYS B 276 -6.78 0.00 -2.30
N LYS B 277 -7.46 -1.14 -2.20
CA LYS B 277 -8.93 -1.13 -2.16
C LYS B 277 -9.45 -1.07 -0.72
N ARG B 278 -8.58 -0.72 0.22
CA ARG B 278 -8.95 -0.59 1.62
C ARG B 278 -8.64 0.79 2.18
N ARG B 279 -9.16 1.07 3.38
CA ARG B 279 -8.86 2.30 4.09
C ARG B 279 -7.60 2.10 4.93
N ASP B 280 -6.60 2.93 4.70
CA ASP B 280 -5.29 2.73 5.31
C ASP B 280 -5.20 3.41 6.67
N LEU B 281 -5.03 2.61 7.71
CA LEU B 281 -4.96 3.12 9.08
C LEU B 281 -3.64 2.77 9.78
N ARG B 282 -2.60 2.48 9.01
CA ARG B 282 -1.34 2.05 9.61
C ARG B 282 -0.63 3.20 10.34
N ASN B 283 -1.07 4.42 10.09
CA ASN B 283 -0.47 5.59 10.71
C ASN B 283 -1.35 6.14 11.83
N GLU B 284 -2.38 5.40 12.19
CA GLU B 284 -3.32 5.81 13.23
C GLU B 284 -2.91 5.17 14.54
N LEU B 285 -3.44 5.68 15.65
CA LEU B 285 -3.10 5.14 16.96
C LEU B 285 -4.14 4.10 17.34
N ILE B 286 -3.78 2.83 17.12
CA ILE B 286 -4.69 1.73 17.41
C ILE B 286 -4.02 0.76 18.38
N ILE B 287 -4.75 0.39 19.42
CA ILE B 287 -4.21 -0.51 20.44
C ILE B 287 -5.12 -1.72 20.67
N THR B 288 -4.55 -2.78 21.26
CA THR B 288 -5.33 -3.92 21.70
C THR B 288 -5.22 -4.13 23.21
N ILE B 289 -6.31 -4.54 23.83
CA ILE B 289 -6.31 -4.85 25.25
C ILE B 289 -7.02 -6.17 25.52
N ASP B 290 -6.38 -7.04 26.31
CA ASP B 290 -6.79 -8.44 26.47
C ASP B 290 -6.41 -8.94 27.87
N PRO B 291 -6.98 -10.09 28.30
CA PRO B 291 -6.75 -10.56 29.68
C PRO B 291 -5.35 -11.01 30.08
N GLU B 292 -4.43 -11.13 29.09
CA GLU B 292 -3.02 -11.57 29.20
C GLU B 292 -2.87 -13.09 29.17
N THR B 293 -3.85 -13.77 28.60
CA THR B 293 -3.75 -15.20 28.39
C THR B 293 -4.58 -15.47 27.14
N ALA B 294 -5.00 -16.72 26.96
CA ALA B 294 -5.65 -17.13 25.81
C ALA B 294 -4.73 -17.16 24.55
N ARG B 295 -5.30 -17.23 23.35
CA ARG B 295 -4.46 -17.19 22.19
C ARG B 295 -5.00 -16.15 21.19
N ASP B 296 -6.24 -15.69 21.39
CA ASP B 296 -6.90 -14.82 20.44
C ASP B 296 -6.53 -13.33 20.59
N LEU B 297 -6.45 -12.66 19.44
CA LEU B 297 -6.16 -11.23 19.37
C LEU B 297 -6.82 -10.64 18.13
N ASP B 298 -8.14 -10.52 18.14
CA ASP B 298 -8.87 -10.12 16.94
C ASP B 298 -9.65 -8.81 17.10
N ASP B 299 -9.52 -8.16 18.25
CA ASP B 299 -10.19 -6.88 18.45
C ASP B 299 -9.19 -5.80 18.85
N ALA B 300 -9.44 -4.58 18.39
CA ALA B 300 -8.57 -3.45 18.66
C ALA B 300 -9.41 -2.17 18.74
N VAL B 301 -8.82 -1.11 19.29
CA VAL B 301 -9.54 0.14 19.48
C VAL B 301 -8.67 1.36 19.19
N SER B 302 -9.32 2.50 19.01
CA SER B 302 -8.64 3.73 18.66
C SER B 302 -9.53 4.91 19.00
N CYS B 303 -8.92 6.07 19.20
CA CYS B 303 -9.65 7.27 19.58
C CYS B 303 -8.83 8.49 19.21
N ARG B 304 -9.16 9.09 18.08
CA ARG B 304 -8.45 10.26 17.60
C ARG B 304 -9.23 11.52 17.94
N ALA B 305 -8.54 12.51 18.50
CA ALA B 305 -9.19 13.78 18.83
C ALA B 305 -9.24 14.67 17.59
N LEU B 306 -10.39 15.28 17.36
CA LEU B 306 -10.58 16.07 16.16
C LEU B 306 -10.43 17.55 16.47
N ASP B 307 -10.38 18.34 15.40
CA ASP B 307 -10.34 19.80 15.45
C ASP B 307 -11.54 20.56 16.03
N ASN B 308 -12.67 20.02 16.08
CA ASN B 308 -13.74 20.43 16.92
C ASN B 308 -13.41 19.62 18.12
N GLY B 309 -14.32 19.61 19.08
CA GLY B 309 -14.23 18.87 20.32
C GLY B 309 -14.84 17.49 20.20
N THR B 310 -14.49 16.85 19.09
CA THR B 310 -15.12 15.63 18.65
C THR B 310 -14.08 14.53 18.50
N TYR B 311 -14.52 13.28 18.59
CA TYR B 311 -13.58 12.16 18.54
C TYR B 311 -14.00 11.18 17.45
N GLU B 312 -13.00 10.68 16.73
CA GLU B 312 -13.22 9.59 15.78
C GLU B 312 -12.83 8.29 16.43
N VAL B 313 -13.79 7.64 17.08
CA VAL B 313 -13.54 6.37 17.74
C VAL B 313 -13.68 5.25 16.73
N GLY B 314 -12.98 4.15 16.94
CA GLY B 314 -13.02 3.04 16.01
C GLY B 314 -12.77 1.71 16.69
N VAL B 315 -13.45 0.70 16.18
CA VAL B 315 -13.24 -0.67 16.65
C VAL B 315 -12.80 -1.50 15.47
N HIS B 316 -11.65 -2.15 15.61
CA HIS B 316 -11.04 -2.82 14.48
C HIS B 316 -10.95 -4.33 14.71
N ILE B 317 -11.69 -5.07 13.90
CA ILE B 317 -11.79 -6.52 14.05
C ILE B 317 -11.03 -7.23 12.94
N ALA B 318 -10.40 -8.36 13.27
CA ALA B 318 -9.63 -9.11 12.30
C ALA B 318 -10.51 -9.59 11.15
N ASP B 319 -9.98 -9.49 9.93
CA ASP B 319 -10.71 -9.83 8.72
C ASP B 319 -10.70 -11.33 8.45
N VAL B 320 -11.33 -12.09 9.34
CA VAL B 320 -11.34 -13.54 9.25
C VAL B 320 -12.00 -14.03 7.95
N THR B 321 -12.98 -13.28 7.45
CA THR B 321 -13.75 -13.73 6.31
C THR B 321 -13.05 -13.36 5.00
N HIS B 322 -11.79 -12.98 5.09
CA HIS B 322 -11.00 -12.67 3.92
C HIS B 322 -10.23 -13.94 3.58
N PHE B 323 -10.09 -14.79 4.59
CA PHE B 323 -9.38 -16.05 4.45
C PHE B 323 -10.36 -17.21 4.56
N VAL B 324 -11.48 -16.98 5.25
CA VAL B 324 -12.49 -17.99 5.46
C VAL B 324 -13.65 -17.77 4.49
N LYS B 325 -13.60 -18.47 3.35
CA LYS B 325 -14.57 -18.27 2.29
C LYS B 325 -15.80 -19.16 2.46
N PRO B 326 -16.98 -18.64 2.09
CA PRO B 326 -18.28 -19.32 2.25
C PRO B 326 -18.35 -20.65 1.51
N ASP B 327 -18.70 -21.71 2.25
CA ASP B 327 -18.99 -23.05 1.71
C ASP B 327 -17.71 -23.79 1.37
N SER B 328 -16.62 -23.45 2.04
CA SER B 328 -15.35 -24.15 1.85
C SER B 328 -15.25 -25.18 2.96
N ALA B 329 -14.33 -26.13 2.81
CA ALA B 329 -14.09 -27.14 3.84
C ALA B 329 -13.68 -26.50 5.15
N LEU B 330 -12.91 -25.42 5.06
CA LEU B 330 -12.45 -24.68 6.24
C LEU B 330 -13.61 -23.98 6.94
N ASP B 331 -14.59 -23.55 6.15
CA ASP B 331 -15.75 -22.85 6.69
C ASP B 331 -16.76 -23.86 7.24
N LYS B 332 -16.73 -25.06 6.69
CA LYS B 332 -17.65 -26.11 7.12
C LYS B 332 -17.23 -26.67 8.48
N GLU B 333 -15.92 -26.73 8.72
CA GLU B 333 -15.41 -27.27 9.97
C GLU B 333 -15.56 -26.23 11.09
N ALA B 334 -15.46 -24.96 10.72
CA ALA B 334 -15.68 -23.86 11.66
C ALA B 334 -17.16 -23.79 12.03
N ALA B 335 -18.02 -23.91 11.03
CA ALA B 335 -19.46 -23.89 11.25
C ALA B 335 -19.90 -25.06 12.13
N SER B 336 -19.13 -26.14 12.10
CA SER B 336 -19.46 -27.33 12.89
C SER B 336 -19.02 -27.15 14.34
N ARG B 337 -17.83 -26.60 14.54
CA ARG B 337 -17.33 -26.31 15.87
C ARG B 337 -18.08 -25.12 16.46
N ALA B 338 -18.38 -24.15 15.60
CA ALA B 338 -19.32 -23.04 15.90
C ALA B 338 -18.83 -22.10 17.02
N THR B 339 -17.61 -22.34 17.51
CA THR B 339 -17.10 -21.61 18.65
C THR B 339 -15.76 -22.19 19.12
N THR B 340 -15.03 -21.44 19.93
CA THR B 340 -13.79 -21.93 20.50
C THR B 340 -14.07 -22.30 21.95
N VAL B 341 -13.52 -23.43 22.39
CA VAL B 341 -13.77 -23.91 23.74
C VAL B 341 -12.55 -23.63 24.61
N TYR B 342 -12.79 -22.96 25.73
CA TYR B 342 -11.71 -22.50 26.57
C TYR B 342 -11.62 -23.30 27.87
N LEU B 343 -10.68 -24.23 27.91
CA LEU B 343 -10.45 -25.04 29.10
C LEU B 343 -9.36 -24.33 29.90
N VAL B 344 -9.18 -24.74 31.15
CA VAL B 344 -8.20 -24.11 32.02
C VAL B 344 -6.77 -24.24 31.47
N GLN B 345 -6.44 -25.39 30.89
CA GLN B 345 -5.06 -25.63 30.47
C GLN B 345 -4.82 -25.46 28.97
N LYS B 346 -5.88 -25.29 28.19
CA LYS B 346 -5.73 -25.10 26.74
C LYS B 346 -7.02 -24.65 26.08
N ALA B 347 -6.95 -24.44 24.77
CA ALA B 347 -8.10 -24.00 23.99
C ALA B 347 -8.30 -24.90 22.77
N ILE B 348 -9.53 -25.33 22.57
CA ILE B 348 -9.90 -26.07 21.36
C ILE B 348 -10.36 -25.07 20.30
N PRO B 349 -9.50 -24.82 19.30
CA PRO B 349 -9.72 -23.72 18.36
C PRO B 349 -10.81 -24.00 17.34
N MET B 350 -11.48 -22.95 16.89
CA MET B 350 -12.47 -23.07 15.83
C MET B 350 -11.75 -22.99 14.48
N LEU B 351 -10.63 -22.27 14.48
CA LEU B 351 -9.83 -22.08 13.27
C LEU B 351 -8.38 -22.52 13.49
N PRO B 352 -7.64 -22.78 12.40
CA PRO B 352 -6.27 -23.28 12.50
C PRO B 352 -5.28 -22.21 12.94
N PRO B 353 -4.09 -22.62 13.42
CA PRO B 353 -3.06 -21.72 13.98
C PRO B 353 -2.67 -20.56 13.06
N LEU B 354 -2.51 -20.82 11.77
CA LEU B 354 -2.17 -19.77 10.80
C LEU B 354 -3.12 -18.58 10.86
N LEU B 355 -4.27 -18.77 11.51
CA LEU B 355 -5.30 -17.76 11.58
C LEU B 355 -5.32 -17.11 12.97
N CYS B 356 -5.40 -17.94 14.01
CA CYS B 356 -5.42 -17.44 15.39
C CYS B 356 -4.12 -16.75 15.78
N GLU B 357 -3.01 -17.11 15.12
CA GLU B 357 -1.69 -16.68 15.56
C GLU B 357 -1.05 -15.65 14.63
N ARG B 358 -1.50 -15.60 13.39
CA ARG B 358 -0.85 -14.74 12.40
C ARG B 358 -1.70 -13.70 11.66
N LEU B 359 -2.44 -14.17 10.67
CA LEU B 359 -3.12 -13.30 9.71
C LEU B 359 -4.36 -12.67 10.34
N CYS B 360 -4.85 -13.26 11.43
CA CYS B 360 -6.05 -12.74 12.08
C CYS B 360 -5.77 -12.50 13.56
N SER B 361 -4.50 -12.30 13.88
CA SER B 361 -4.07 -11.88 15.21
C SER B 361 -3.53 -10.47 15.10
N LEU B 362 -4.04 -9.57 15.93
CA LEU B 362 -3.65 -8.16 15.85
C LEU B 362 -2.48 -7.87 16.77
N ASN B 363 -1.36 -8.56 16.54
CA ASN B 363 -0.13 -8.35 17.30
C ASN B 363 0.47 -6.98 16.98
N PRO B 364 1.39 -6.50 17.81
CA PRO B 364 1.86 -5.13 17.59
C PRO B 364 2.93 -5.00 16.52
N ASN B 365 3.05 -3.79 15.98
CA ASN B 365 4.11 -3.44 15.04
C ASN B 365 4.12 -4.29 13.78
N VAL B 366 2.95 -4.80 13.42
CA VAL B 366 2.83 -5.68 12.26
C VAL B 366 1.54 -5.39 11.49
N GLU B 367 1.59 -5.53 10.17
CA GLU B 367 0.45 -5.21 9.33
C GLU B 367 -0.57 -6.33 9.33
N ARG B 368 -1.82 -5.97 9.62
CA ARG B 368 -2.90 -6.94 9.65
C ARG B 368 -4.13 -6.39 8.93
N LEU B 369 -4.92 -7.28 8.36
CA LEU B 369 -6.15 -6.86 7.69
C LEU B 369 -7.24 -6.80 8.74
N ALA B 370 -8.21 -5.92 8.53
CA ALA B 370 -9.21 -5.71 9.56
C ALA B 370 -10.54 -5.24 8.99
N PHE B 371 -11.54 -5.18 9.87
CA PHE B 371 -12.89 -4.75 9.52
C PHE B 371 -13.31 -3.75 10.58
N SER B 372 -13.26 -2.47 10.24
CA SER B 372 -13.41 -1.43 11.24
C SER B 372 -14.77 -0.75 11.22
N VAL B 373 -15.09 -0.09 12.33
CA VAL B 373 -16.30 0.73 12.45
C VAL B 373 -15.92 2.06 13.09
N PHE B 374 -16.31 3.17 12.46
CA PHE B 374 -15.94 4.49 12.96
C PHE B 374 -17.16 5.31 13.38
N TRP B 375 -17.15 5.79 14.62
CA TRP B 375 -18.19 6.70 15.09
C TRP B 375 -17.64 8.11 15.24
N LYS B 376 -18.53 9.09 15.27
CA LYS B 376 -18.15 10.47 15.57
C LYS B 376 -18.82 10.85 16.88
N LEU B 377 -18.04 10.89 17.96
CA LEU B 377 -18.61 11.01 19.29
C LEU B 377 -18.20 12.29 20.02
N ASP B 378 -18.82 12.51 21.17
CA ASP B 378 -18.48 13.63 22.04
C ASP B 378 -18.36 13.15 23.49
N SER B 379 -18.12 14.09 24.41
CA SER B 379 -17.80 13.73 25.79
C SER B 379 -19.03 13.22 26.55
N ASN B 380 -20.17 13.18 25.87
CA ASN B 380 -21.39 12.65 26.47
C ASN B 380 -21.80 11.33 25.84
N GLY B 381 -21.21 11.03 24.68
CA GLY B 381 -21.35 9.72 24.05
C GLY B 381 -22.27 9.71 22.84
N LYS B 382 -22.81 10.87 22.50
CA LYS B 382 -23.79 10.96 21.42
C LYS B 382 -23.11 11.04 20.06
N GLU B 383 -23.59 10.25 19.11
CA GLU B 383 -23.07 10.31 17.76
C GLU B 383 -23.43 11.66 17.14
N ILE B 384 -22.47 12.29 16.48
CA ILE B 384 -22.69 13.61 15.91
C ILE B 384 -22.23 13.61 14.46
N GLY B 385 -22.16 12.42 13.89
CA GLY B 385 -21.72 12.22 12.52
C GLY B 385 -22.15 10.85 12.06
N LYS B 386 -22.04 10.61 10.76
CA LYS B 386 -22.49 9.35 10.19
C LYS B 386 -21.50 8.24 10.51
N ARG B 387 -22.00 7.03 10.71
CA ARG B 387 -21.15 5.89 11.03
C ARG B 387 -20.37 5.51 9.79
N TRP B 388 -19.32 4.71 9.99
CA TRP B 388 -18.54 4.23 8.85
C TRP B 388 -18.20 2.76 9.01
N PHE B 389 -18.44 1.99 7.94
CA PHE B 389 -18.08 0.58 7.91
C PHE B 389 -17.24 0.30 6.68
N GLY B 390 -16.35 -0.69 6.77
CA GLY B 390 -15.54 -1.07 5.62
C GLY B 390 -14.25 -1.76 5.97
N LYS B 391 -13.56 -2.25 4.95
CA LYS B 391 -12.34 -3.01 5.13
C LYS B 391 -11.16 -2.07 5.30
N THR B 392 -10.33 -2.32 6.31
CA THR B 392 -9.20 -1.46 6.58
C THR B 392 -7.90 -2.25 6.70
N VAL B 393 -6.78 -1.54 6.68
CA VAL B 393 -5.49 -2.11 7.02
C VAL B 393 -4.97 -1.35 8.21
N ILE B 394 -4.52 -2.09 9.23
CA ILE B 394 -4.07 -1.45 10.46
C ILE B 394 -2.71 -1.97 10.90
N LYS B 395 -2.14 -1.27 11.87
CA LYS B 395 -0.85 -1.63 12.44
C LYS B 395 -0.86 -1.22 13.89
N THR B 396 -1.50 -2.03 14.72
CA THR B 396 -1.60 -1.77 16.16
C THR B 396 -0.21 -1.43 16.72
N CYS B 397 -0.18 -0.52 17.68
CA CYS B 397 1.08 0.03 18.16
C CYS B 397 1.39 -0.40 19.58
N ALA B 398 0.40 -1.00 20.23
CA ALA B 398 0.58 -1.49 21.59
C ALA B 398 -0.39 -2.62 21.91
N ARG B 399 0.05 -3.52 22.78
CA ARG B 399 -0.76 -4.66 23.19
C ARG B 399 -0.84 -4.66 24.70
N LEU B 400 -1.93 -4.15 25.25
CA LEU B 400 -2.07 -4.01 26.68
C LEU B 400 -2.77 -5.19 27.31
N ALA B 401 -2.78 -5.20 28.63
CA ALA B 401 -3.54 -6.16 29.41
C ALA B 401 -4.42 -5.34 30.34
N TYR B 402 -5.54 -5.92 30.77
CA TYR B 402 -6.49 -5.19 31.60
C TYR B 402 -5.84 -4.65 32.87
N SER B 403 -4.92 -5.42 33.44
CA SER B 403 -4.23 -5.00 34.65
C SER B 403 -3.29 -3.84 34.35
N GLU B 404 -2.80 -3.81 33.11
CA GLU B 404 -1.92 -2.73 32.66
C GLU B 404 -2.75 -1.52 32.26
N ALA B 405 -3.84 -1.78 31.54
CA ALA B 405 -4.74 -0.73 31.12
C ALA B 405 -5.47 -0.10 32.31
N GLN B 406 -5.61 -0.86 33.39
CA GLN B 406 -6.28 -0.36 34.59
C GLN B 406 -5.37 0.62 35.32
N GLY B 407 -4.07 0.39 35.22
CA GLY B 407 -3.09 1.26 35.85
C GLY B 407 -3.09 2.65 35.25
N VAL B 408 -3.17 2.72 33.93
CA VAL B 408 -3.18 3.99 33.21
C VAL B 408 -4.41 4.84 33.60
N ILE B 409 -5.45 4.17 34.11
CA ILE B 409 -6.70 4.83 34.41
C ILE B 409 -6.71 5.35 35.85
N GLU B 410 -5.97 4.66 36.72
CA GLU B 410 -5.95 5.03 38.12
C GLU B 410 -4.85 6.06 38.42
N GLY B 411 -4.10 6.42 37.39
CA GLY B 411 -3.09 7.46 37.54
C GLY B 411 -1.66 7.10 37.16
N LYS B 412 -1.28 5.85 37.36
CA LYS B 412 0.09 5.39 37.09
C LYS B 412 0.55 5.77 35.69
N SER B 413 1.85 5.84 35.50
CA SER B 413 2.40 6.25 34.21
C SER B 413 2.57 5.03 33.28
N TRP B 414 2.95 5.30 32.04
CA TRP B 414 3.20 4.26 31.05
C TRP B 414 4.62 3.73 31.17
N ASP B 415 5.07 3.46 32.38
CA ASP B 415 6.39 2.87 32.61
C ASP B 415 6.24 1.86 33.75
N ASP B 416 5.76 2.25 34.86
CA ASP B 416 5.35 1.35 35.94
C ASP B 416 4.21 0.40 35.60
N ALA B 417 3.12 0.97 35.10
CA ALA B 417 1.90 0.22 34.78
C ALA B 417 2.07 -0.64 33.54
N VAL B 418 2.90 -0.18 32.61
CA VAL B 418 3.11 -0.89 31.36
C VAL B 418 4.54 -0.70 30.87
N GLY B 419 5.36 -1.72 31.07
CA GLY B 419 6.77 -1.64 30.77
C GLY B 419 7.10 -2.14 29.37
N LYS B 420 6.35 -1.65 28.39
CA LYS B 420 6.57 -2.04 26.99
C LYS B 420 6.75 -0.82 26.10
N PRO B 421 7.47 -0.99 24.98
CA PRO B 421 7.65 0.10 24.01
C PRO B 421 6.41 0.33 23.16
N ILE B 422 6.42 1.40 22.36
CA ILE B 422 5.31 1.73 21.48
C ILE B 422 5.84 1.95 20.06
N GLY B 423 5.12 1.44 19.07
CA GLY B 423 5.57 1.54 17.69
C GLY B 423 5.01 2.77 17.00
N GLY B 424 5.43 2.96 15.75
CA GLY B 424 5.01 4.12 14.98
C GLY B 424 5.57 5.40 15.57
N THR B 425 4.87 6.51 15.32
CA THR B 425 5.33 7.81 15.79
C THR B 425 4.66 8.19 17.09
N HIS B 426 3.98 7.22 17.70
CA HIS B 426 3.16 7.50 18.87
C HIS B 426 4.01 7.38 20.13
N THR B 427 3.60 8.11 21.17
CA THR B 427 4.42 8.28 22.36
C THR B 427 3.62 7.81 23.56
N PRO B 428 4.30 7.37 24.62
CA PRO B 428 3.64 6.98 25.87
C PRO B 428 2.57 7.97 26.33
N LYS B 429 2.67 9.23 25.90
CA LYS B 429 1.71 10.24 26.28
C LYS B 429 0.54 10.23 25.30
N ASP B 430 0.86 10.14 24.02
CA ASP B 430 -0.14 10.04 22.96
C ASP B 430 -1.10 8.89 23.18
N VAL B 431 -0.66 7.88 23.91
CA VAL B 431 -1.42 6.64 24.09
C VAL B 431 -2.23 6.65 25.39
N GLU B 432 -1.77 7.36 26.41
CA GLU B 432 -2.54 7.45 27.65
C GLU B 432 -3.76 8.36 27.47
N THR B 433 -3.60 9.46 26.73
CA THR B 433 -4.70 10.39 26.57
C THR B 433 -5.80 9.78 25.69
N SER B 434 -5.41 8.85 24.83
CA SER B 434 -6.36 8.19 23.94
C SER B 434 -6.94 6.93 24.62
N ILE B 435 -6.39 6.58 25.76
CA ILE B 435 -6.96 5.53 26.59
C ILE B 435 -7.91 6.15 27.60
N LEU B 436 -7.53 7.32 28.10
CA LEU B 436 -8.28 7.98 29.16
C LEU B 436 -9.54 8.63 28.59
N THR B 437 -9.49 8.94 27.30
CA THR B 437 -10.66 9.49 26.61
C THR B 437 -11.65 8.37 26.37
N LEU B 438 -11.13 7.21 25.95
CA LEU B 438 -11.96 6.02 25.74
C LEU B 438 -12.63 5.58 27.04
N CYS B 439 -12.01 5.92 28.16
CA CYS B 439 -12.53 5.54 29.46
C CYS B 439 -13.66 6.47 29.92
N GLU B 440 -13.53 7.76 29.63
CA GLU B 440 -14.54 8.73 30.02
C GLU B 440 -15.78 8.59 29.16
N ILE B 441 -15.57 8.36 27.86
CA ILE B 441 -16.67 8.16 26.92
C ILE B 441 -17.43 6.89 27.28
N SER B 442 -16.70 5.87 27.72
CA SER B 442 -17.31 4.60 28.09
C SER B 442 -18.02 4.72 29.42
N ARG B 443 -17.70 5.78 30.17
CA ARG B 443 -18.40 6.07 31.42
C ARG B 443 -19.73 6.73 31.11
N LYS B 444 -19.83 7.33 29.92
CA LYS B 444 -21.05 8.00 29.48
C LYS B 444 -22.00 7.01 28.83
N LEU B 445 -21.57 6.43 27.70
CA LEU B 445 -22.26 5.33 27.04
C LEU B 445 -22.88 4.33 28.02
N ARG B 446 -22.17 4.06 29.11
CA ARG B 446 -22.58 3.05 30.07
C ARG B 446 -23.48 3.68 31.13
N LYS B 447 -23.46 5.00 31.23
CA LYS B 447 -24.35 5.71 32.14
C LYS B 447 -25.67 5.92 31.41
N ASP B 448 -25.61 5.81 30.09
CA ASP B 448 -26.75 5.88 29.20
C ASP B 448 -27.48 4.55 29.03
N ARG B 449 -26.70 3.48 29.09
CA ARG B 449 -27.23 2.13 28.91
C ARG B 449 -28.16 1.74 30.04
N PHE B 450 -27.76 2.07 31.26
CA PHE B 450 -28.53 1.72 32.45
C PHE B 450 -29.81 2.56 32.55
N ALA B 451 -29.85 3.67 31.82
CA ALA B 451 -31.00 4.56 31.84
C ALA B 451 -32.08 4.12 30.87
N LYS B 452 -31.69 3.28 29.91
CA LYS B 452 -32.64 2.80 28.92
C LYS B 452 -33.18 1.45 29.37
N GLY B 453 -32.62 0.93 30.45
CA GLY B 453 -33.11 -0.29 31.05
C GLY B 453 -32.09 -1.37 31.32
N ALA B 454 -30.91 -1.26 30.70
CA ALA B 454 -29.88 -2.30 30.77
C ALA B 454 -29.63 -2.85 32.18
N VAL B 455 -29.34 -4.14 32.24
CA VAL B 455 -29.15 -4.82 33.51
C VAL B 455 -27.81 -5.52 33.50
N GLU B 456 -26.76 -4.83 33.92
CA GLU B 456 -25.45 -5.46 33.98
C GLU B 456 -25.24 -6.03 35.37
N ILE B 457 -25.09 -7.31 35.50
CA ILE B 457 -24.60 -7.93 36.71
C ILE B 457 -23.20 -8.32 36.30
N ASN B 458 -22.55 -9.12 37.14
CA ASN B 458 -21.26 -9.75 36.87
C ASN B 458 -21.10 -11.14 37.43
N SER B 459 -21.12 -12.16 36.56
CA SER B 459 -20.90 -13.52 37.03
C SER B 459 -19.47 -13.68 37.55
N THR B 460 -19.18 -14.86 38.10
CA THR B 460 -17.87 -15.10 38.67
C THR B 460 -17.24 -16.32 38.04
N GLU B 461 -15.99 -16.17 37.59
CA GLU B 461 -15.27 -17.28 37.01
C GLU B 461 -13.88 -17.35 37.63
N LEU B 462 -13.26 -18.52 37.60
CA LEU B 462 -11.99 -18.73 38.27
C LEU B 462 -10.79 -18.51 37.35
N LYS B 463 -9.72 -17.98 37.93
CA LYS B 463 -8.48 -17.77 37.20
C LYS B 463 -7.33 -18.48 37.90
N PHE B 464 -6.65 -19.36 37.16
CA PHE B 464 -5.58 -20.17 37.71
C PHE B 464 -4.20 -19.75 37.20
N GLN B 465 -3.18 -20.05 37.98
CA GLN B 465 -1.80 -19.92 37.53
C GLN B 465 -1.19 -21.31 37.47
N LEU B 466 -0.67 -21.68 36.30
CA LEU B 466 -0.22 -23.04 36.08
C LEU B 466 1.30 -23.14 36.18
N ASP B 467 1.78 -24.34 36.48
CA ASP B 467 3.20 -24.58 36.70
C ASP B 467 3.88 -25.16 35.45
N GLU B 468 5.10 -25.66 35.62
CA GLU B 468 5.87 -26.19 34.52
C GLU B 468 5.19 -27.43 33.92
N TYR B 469 4.50 -28.18 34.77
CA TYR B 469 3.80 -29.38 34.34
C TYR B 469 2.37 -29.10 33.84
N GLY B 470 1.84 -27.93 34.18
CA GLY B 470 0.48 -27.58 33.81
C GLY B 470 -0.56 -27.92 34.85
N MET B 471 -0.19 -27.81 36.12
CA MET B 471 -1.11 -28.04 37.24
C MET B 471 -1.38 -26.74 37.97
N PRO B 472 -2.57 -26.60 38.56
CA PRO B 472 -2.90 -25.32 39.20
C PRO B 472 -1.96 -25.02 40.37
N ASN B 473 -1.45 -23.81 40.40
CA ASN B 473 -0.47 -23.40 41.41
C ASN B 473 -0.95 -22.15 42.14
N LYS B 474 -2.02 -21.56 41.61
CA LYS B 474 -2.68 -20.43 42.24
C LYS B 474 -4.13 -20.42 41.78
N CYS B 475 -5.02 -19.86 42.58
CA CYS B 475 -6.44 -19.87 42.23
C CYS B 475 -7.18 -18.72 42.91
N GLU B 476 -7.74 -17.85 42.09
CA GLU B 476 -8.43 -16.68 42.58
C GLU B 476 -9.72 -16.46 41.79
N VAL B 477 -10.69 -15.80 42.41
CA VAL B 477 -11.89 -15.38 41.70
C VAL B 477 -11.56 -14.11 40.93
N TYR B 478 -11.67 -14.19 39.61
CA TYR B 478 -11.26 -13.07 38.76
C TYR B 478 -12.26 -11.92 38.87
N GLU B 479 -11.77 -10.76 39.27
CA GLU B 479 -12.61 -9.60 39.49
C GLU B 479 -12.46 -8.60 38.34
N GLN B 480 -13.57 -8.30 37.67
CA GLN B 480 -13.56 -7.39 36.54
C GLN B 480 -13.28 -5.97 37.01
N THR B 481 -12.64 -5.18 36.15
CA THR B 481 -12.21 -3.83 36.52
C THR B 481 -12.69 -2.79 35.52
N ASP B 482 -12.22 -1.55 35.69
CA ASP B 482 -12.64 -0.44 34.84
C ASP B 482 -12.14 -0.59 33.41
N ALA B 483 -10.92 -1.10 33.26
CA ALA B 483 -10.36 -1.35 31.93
C ALA B 483 -11.20 -2.38 31.21
N ASN B 484 -11.70 -3.36 31.95
CA ASN B 484 -12.57 -4.39 31.43
C ASN B 484 -13.85 -3.79 30.87
N HIS B 485 -14.49 -2.92 31.64
CA HIS B 485 -15.75 -2.29 31.26
C HIS B 485 -15.56 -1.25 30.16
N LEU B 486 -14.32 -0.88 29.89
CA LEU B 486 -14.03 0.09 28.85
C LEU B 486 -14.07 -0.58 27.48
N ILE B 487 -13.61 -1.82 27.42
CA ILE B 487 -13.55 -2.58 26.18
C ILE B 487 -14.92 -3.12 25.81
N GLU B 488 -15.57 -3.76 26.78
CA GLU B 488 -16.93 -4.27 26.62
C GLU B 488 -17.85 -3.20 26.04
N GLU B 489 -17.72 -1.97 26.53
CA GLU B 489 -18.63 -0.89 26.17
C GLU B 489 -18.51 -0.52 24.70
N PHE B 490 -17.34 -0.75 24.11
CA PHE B 490 -17.14 -0.44 22.69
C PHE B 490 -17.31 -1.68 21.82
N MET B 491 -17.31 -2.85 22.44
CA MET B 491 -17.65 -4.07 21.73
C MET B 491 -19.17 -4.18 21.63
N LEU B 492 -19.85 -3.83 22.72
CA LEU B 492 -21.31 -3.70 22.72
C LEU B 492 -21.76 -2.70 21.66
N LEU B 493 -21.04 -1.59 21.57
CA LEU B 493 -21.36 -0.53 20.62
C LEU B 493 -21.12 -0.98 19.18
N ALA B 494 -20.06 -1.76 18.97
CA ALA B 494 -19.72 -2.24 17.64
C ALA B 494 -20.69 -3.34 17.22
N ASN B 495 -21.22 -4.06 18.22
CA ASN B 495 -22.18 -5.13 17.96
C ASN B 495 -23.55 -4.54 17.65
N ARG B 496 -23.90 -3.49 18.39
CA ARG B 496 -25.16 -2.78 18.17
C ARG B 496 -25.20 -2.13 16.80
N SER B 497 -24.14 -1.40 16.47
CA SER B 497 -24.08 -0.64 15.22
C SER B 497 -24.14 -1.55 14.00
N VAL B 498 -23.58 -2.75 14.13
CA VAL B 498 -23.48 -3.67 13.00
C VAL B 498 -24.78 -4.47 12.88
N ALA B 499 -25.44 -4.68 14.00
CA ALA B 499 -26.74 -5.35 14.01
C ALA B 499 -27.79 -4.46 13.34
N GLU B 500 -27.85 -3.21 13.77
CA GLU B 500 -28.73 -2.21 13.18
C GLU B 500 -28.54 -2.07 11.67
N HIS B 501 -27.29 -2.02 11.23
CA HIS B 501 -27.00 -1.78 9.83
C HIS B 501 -27.46 -2.94 8.93
N ILE B 502 -27.10 -4.15 9.28
CA ILE B 502 -27.41 -5.30 8.43
C ILE B 502 -28.88 -5.73 8.50
N SER B 503 -29.53 -5.42 9.61
CA SER B 503 -30.93 -5.76 9.80
C SER B 503 -31.85 -4.70 9.21
N LYS B 504 -31.28 -3.82 8.39
CA LYS B 504 -32.04 -2.77 7.73
C LYS B 504 -31.77 -2.78 6.23
N ASN B 505 -30.82 -3.60 5.81
CA ASN B 505 -30.58 -3.84 4.40
C ASN B 505 -30.98 -5.27 4.06
N PHE B 506 -31.07 -6.09 5.10
CA PHE B 506 -31.41 -7.49 4.97
C PHE B 506 -32.32 -7.85 6.13
N SER B 507 -33.60 -7.53 6.01
CA SER B 507 -34.54 -7.70 7.11
C SER B 507 -34.99 -9.15 7.29
N ASN B 508 -34.57 -10.01 6.36
CA ASN B 508 -35.03 -11.40 6.38
C ASN B 508 -33.88 -12.40 6.46
N ASN B 509 -32.66 -11.95 6.18
CA ASN B 509 -31.52 -12.86 6.13
C ASN B 509 -30.38 -12.43 7.07
N SER B 510 -30.72 -11.78 8.18
CA SER B 510 -29.69 -11.32 9.09
C SER B 510 -29.63 -12.17 10.36
N LEU B 511 -28.41 -12.44 10.81
CA LEU B 511 -28.20 -13.18 12.05
C LEU B 511 -28.00 -12.20 13.21
N LEU B 512 -28.92 -12.24 14.16
CA LEU B 512 -28.86 -11.33 15.29
C LEU B 512 -28.97 -12.12 16.59
N ARG B 513 -28.88 -11.40 17.70
CA ARG B 513 -28.91 -12.04 19.02
C ARG B 513 -29.89 -11.29 19.93
N ARG B 514 -30.63 -12.04 20.74
CA ARG B 514 -31.65 -11.43 21.59
C ARG B 514 -31.71 -12.08 22.95
N HIS B 515 -32.23 -11.33 23.90
CA HIS B 515 -32.43 -11.82 25.26
C HIS B 515 -33.88 -11.59 25.65
N ALA B 516 -34.47 -12.55 26.35
CA ALA B 516 -35.88 -12.46 26.68
C ALA B 516 -36.09 -12.21 28.17
N SER B 517 -37.27 -11.73 28.53
CA SER B 517 -37.59 -11.49 29.93
C SER B 517 -37.63 -12.82 30.66
N PRO B 518 -37.29 -12.82 31.96
CA PRO B 518 -37.22 -14.11 32.64
C PRO B 518 -38.60 -14.76 32.81
N LYS B 519 -38.60 -16.09 32.81
CA LYS B 519 -39.80 -16.87 33.06
C LYS B 519 -39.98 -16.98 34.57
N GLU B 520 -41.20 -16.73 35.04
CA GLU B 520 -41.51 -16.73 36.48
C GLU B 520 -40.97 -17.95 37.21
N LYS B 521 -40.72 -19.02 36.45
CA LYS B 521 -40.11 -20.23 37.00
C LYS B 521 -38.70 -19.92 37.52
N GLN B 522 -37.98 -19.07 36.79
CA GLN B 522 -36.63 -18.71 37.17
C GLN B 522 -36.63 -17.20 37.52
N ILE B 523 -37.80 -16.68 37.89
CA ILE B 523 -37.93 -15.32 38.34
C ILE B 523 -38.38 -15.28 39.79
N ASN B 524 -39.69 -15.46 40.01
CA ASN B 524 -40.31 -15.46 41.34
C ASN B 524 -39.67 -16.44 42.33
N GLU B 525 -39.20 -17.57 41.81
CA GLU B 525 -38.50 -18.59 42.60
C GLU B 525 -37.11 -18.09 43.02
N PHE B 526 -36.68 -16.96 42.45
CA PHE B 526 -35.40 -16.34 42.82
C PHE B 526 -35.69 -15.17 43.77
N CYS B 527 -36.80 -14.47 43.50
CA CYS B 527 -37.29 -13.43 44.40
C CYS B 527 -37.61 -14.05 45.75
N HIS B 528 -38.20 -15.23 45.71
CA HIS B 528 -38.42 -16.04 46.92
C HIS B 528 -37.14 -16.17 47.75
N PHE B 529 -36.05 -16.58 47.10
CA PHE B 529 -34.78 -16.80 47.79
C PHE B 529 -34.25 -15.50 48.38
N LEU B 530 -34.52 -14.40 47.68
CA LEU B 530 -34.10 -13.09 48.14
C LEU B 530 -34.88 -12.75 49.40
N LYS B 531 -36.16 -13.09 49.42
CA LYS B 531 -37.02 -12.90 50.57
C LYS B 531 -36.51 -13.66 51.80
N SER B 532 -36.09 -14.91 51.58
CA SER B 532 -35.54 -15.77 52.63
C SER B 532 -34.55 -15.06 53.56
N MET B 533 -33.81 -14.09 53.02
CA MET B 533 -32.78 -13.37 53.77
C MET B 533 -33.30 -12.00 54.19
N ASN B 534 -34.61 -11.82 54.04
CA ASN B 534 -35.35 -10.58 54.33
C ASN B 534 -35.25 -9.38 53.41
N PHE B 535 -35.38 -9.65 52.11
CA PHE B 535 -35.27 -8.63 51.07
C PHE B 535 -36.34 -8.77 49.98
N ASP B 536 -36.93 -7.64 49.59
CA ASP B 536 -37.91 -7.63 48.50
C ASP B 536 -37.27 -7.24 47.17
N PHE B 537 -37.45 -8.06 46.15
CA PHE B 537 -36.80 -7.83 44.85
C PHE B 537 -37.85 -7.42 43.81
N ASP B 538 -37.52 -6.47 42.95
CA ASP B 538 -38.48 -6.00 41.94
C ASP B 538 -37.99 -6.43 40.56
N ALA B 539 -38.85 -7.14 39.83
CA ALA B 539 -38.52 -7.70 38.51
C ALA B 539 -39.52 -7.34 37.41
N SER B 540 -40.36 -6.32 37.63
CA SER B 540 -41.39 -6.02 36.64
C SER B 540 -40.86 -5.44 35.32
N SER B 541 -39.58 -5.09 35.30
CA SER B 541 -38.95 -4.61 34.07
C SER B 541 -37.46 -4.94 34.10
N SER B 542 -36.73 -4.37 33.16
CA SER B 542 -35.28 -4.48 33.14
C SER B 542 -34.74 -3.49 34.17
N ALA B 543 -35.17 -2.24 34.01
CA ALA B 543 -34.89 -1.18 34.99
C ALA B 543 -35.11 -1.65 36.43
N ALA B 544 -36.27 -2.23 36.70
CA ALA B 544 -36.59 -2.73 38.03
C ALA B 544 -35.61 -3.81 38.47
N PHE B 545 -35.09 -4.58 37.52
CA PHE B 545 -34.19 -5.68 37.84
C PHE B 545 -32.82 -5.17 38.24
N ASN B 546 -32.31 -4.22 37.47
CA ASN B 546 -31.02 -3.60 37.79
C ASN B 546 -31.12 -2.77 39.06
N ALA B 547 -32.26 -2.08 39.23
CA ALA B 547 -32.50 -1.24 40.40
C ALA B 547 -32.56 -2.07 41.68
N SER B 548 -33.06 -3.29 41.55
CA SER B 548 -33.18 -4.21 42.66
C SER B 548 -31.82 -4.76 43.02
N MET B 549 -30.93 -4.77 42.04
CA MET B 549 -29.58 -5.27 42.22
C MET B 549 -28.66 -4.18 42.74
N VAL B 550 -28.95 -2.94 42.38
CA VAL B 550 -28.18 -1.80 42.90
C VAL B 550 -28.53 -1.57 44.36
N ARG B 551 -29.83 -1.67 44.67
CA ARG B 551 -30.29 -1.71 46.06
C ARG B 551 -29.61 -2.83 46.82
N LEU B 552 -29.90 -4.06 46.42
CA LEU B 552 -29.33 -5.29 46.99
C LEU B 552 -27.90 -5.13 47.49
N ARG B 553 -27.04 -4.60 46.63
CA ARG B 553 -25.62 -4.40 46.94
C ARG B 553 -25.36 -3.50 48.15
N SER B 554 -26.42 -2.81 48.61
CA SER B 554 -26.32 -1.89 49.74
C SER B 554 -26.97 -2.46 51.00
N THR B 555 -27.33 -3.74 50.96
CA THR B 555 -27.97 -4.39 52.10
C THR B 555 -27.16 -5.57 52.63
N PHE B 556 -26.51 -6.30 51.73
CA PHE B 556 -25.75 -7.48 52.11
C PHE B 556 -24.25 -7.24 51.99
N ASN B 557 -23.47 -8.21 52.45
CA ASN B 557 -22.01 -8.15 52.38
C ASN B 557 -21.47 -8.13 50.96
N GLU B 558 -20.15 -7.99 50.85
CA GLU B 558 -19.48 -7.94 49.56
C GLU B 558 -19.18 -9.36 49.08
N GLU B 559 -18.95 -10.26 50.02
CA GLU B 559 -18.68 -11.66 49.71
C GLU B 559 -19.96 -12.33 49.20
N LEU B 560 -21.03 -12.16 49.95
CA LEU B 560 -22.34 -12.67 49.55
C LEU B 560 -22.77 -12.08 48.21
N VAL B 561 -22.44 -10.81 48.00
CA VAL B 561 -22.71 -10.12 46.74
C VAL B 561 -22.26 -10.91 45.51
N GLU B 562 -21.08 -11.52 45.60
CA GLU B 562 -20.58 -12.39 44.54
C GLU B 562 -21.58 -13.48 44.14
N LEU B 563 -22.03 -14.26 45.13
CA LEU B 563 -23.00 -15.35 44.92
C LEU B 563 -24.30 -14.92 44.24
N PHE B 564 -25.01 -14.01 44.90
CA PHE B 564 -26.31 -13.50 44.43
C PHE B 564 -26.26 -13.00 42.98
N GLU B 565 -25.21 -12.27 42.64
CA GLU B 565 -25.01 -11.80 41.28
C GLU B 565 -24.93 -12.99 40.33
N ASN B 566 -24.11 -13.97 40.69
CA ASN B 566 -24.01 -15.23 39.96
C ASN B 566 -25.37 -15.92 39.85
N MET B 567 -26.17 -15.82 40.90
CA MET B 567 -27.51 -16.41 40.92
C MET B 567 -28.44 -15.69 39.96
N ALA B 568 -28.55 -14.37 40.13
CA ALA B 568 -29.23 -13.46 39.20
C ALA B 568 -29.06 -13.90 37.74
N VAL B 569 -27.81 -14.14 37.35
CA VAL B 569 -27.48 -14.61 36.01
C VAL B 569 -28.27 -15.87 35.67
N ARG B 570 -28.12 -16.89 36.51
CA ARG B 570 -28.85 -18.15 36.35
C ARG B 570 -30.37 -17.94 36.30
N SER B 571 -30.83 -16.90 37.00
CA SER B 571 -32.25 -16.56 37.04
C SER B 571 -32.73 -15.98 35.71
N LEU B 572 -31.87 -15.18 35.08
CA LEU B 572 -32.23 -14.52 33.84
C LEU B 572 -32.12 -15.49 32.66
N ASN B 573 -32.98 -15.30 31.67
CA ASN B 573 -33.02 -16.17 30.50
C ASN B 573 -31.68 -16.23 29.77
N ARG B 574 -31.56 -17.15 28.82
CA ARG B 574 -30.34 -17.26 28.05
C ARG B 574 -30.50 -16.51 26.74
N ALA B 575 -29.42 -15.89 26.27
CA ALA B 575 -29.48 -15.18 25.01
C ALA B 575 -29.28 -16.18 23.90
N GLU B 576 -29.74 -15.85 22.71
CA GLU B 576 -29.73 -16.81 21.62
C GLU B 576 -29.66 -16.12 20.26
N TYR B 577 -29.01 -16.79 19.32
CA TYR B 577 -28.98 -16.30 17.95
C TYR B 577 -30.29 -16.65 17.26
N PHE B 578 -30.68 -15.82 16.30
CA PHE B 578 -31.91 -16.05 15.55
C PHE B 578 -31.83 -15.39 14.20
N CYS B 579 -32.70 -15.79 13.29
CA CYS B 579 -32.76 -15.18 11.97
C CYS B 579 -33.91 -14.19 11.91
N THR B 580 -33.63 -13.01 11.36
CA THR B 580 -34.61 -11.93 11.32
C THR B 580 -35.83 -12.33 10.49
N GLY B 581 -35.63 -13.30 9.60
CA GLY B 581 -36.69 -13.78 8.74
C GLY B 581 -37.72 -14.62 9.47
N ASP B 582 -37.38 -15.06 10.67
CA ASP B 582 -38.25 -15.94 11.43
C ASP B 582 -39.15 -15.20 12.43
N PHE B 583 -39.13 -13.87 12.41
CA PHE B 583 -39.86 -13.13 13.44
C PHE B 583 -40.62 -11.90 12.91
N GLY B 584 -40.05 -11.20 11.93
CA GLY B 584 -40.81 -10.18 11.22
C GLY B 584 -41.12 -8.92 12.02
N GLU B 585 -41.32 -9.10 13.33
CA GLU B 585 -41.59 -7.98 14.23
C GLU B 585 -40.34 -7.60 15.03
N LYS B 586 -39.91 -6.35 14.86
CA LYS B 586 -38.69 -5.85 15.49
C LYS B 586 -38.72 -5.95 17.01
N THR B 587 -39.91 -5.85 17.60
CA THR B 587 -40.07 -5.87 19.06
C THR B 587 -39.55 -7.17 19.68
N ASP B 588 -39.40 -8.20 18.86
CA ASP B 588 -39.02 -9.51 19.33
C ASP B 588 -37.50 -9.67 19.28
N TRP B 589 -36.85 -8.69 18.66
CA TRP B 589 -35.40 -8.71 18.48
C TRP B 589 -34.72 -8.21 19.74
N HIS B 590 -35.52 -7.64 20.64
CA HIS B 590 -35.03 -6.99 21.85
C HIS B 590 -34.08 -7.86 22.67
N HIS B 591 -33.09 -7.22 23.28
CA HIS B 591 -32.18 -7.90 24.20
C HIS B 591 -32.40 -7.38 25.62
N TYR B 592 -33.07 -8.19 26.43
CA TYR B 592 -33.45 -7.81 27.80
C TYR B 592 -32.33 -7.17 28.62
N ALA B 593 -31.27 -7.92 28.87
CA ALA B 593 -30.22 -7.49 29.78
C ALA B 593 -29.50 -6.24 29.28
N LEU B 594 -29.11 -6.26 28.01
CA LEU B 594 -28.45 -5.11 27.39
C LEU B 594 -29.40 -3.93 27.18
N SER B 595 -30.68 -4.24 26.99
CA SER B 595 -31.73 -3.26 26.71
C SER B 595 -31.53 -2.61 25.36
N PHE B 596 -31.13 -3.43 24.39
CA PHE B 596 -30.95 -2.97 23.02
C PHE B 596 -32.13 -3.42 22.17
N ASN B 597 -32.38 -2.72 21.08
CA ASN B 597 -33.44 -3.11 20.15
C ASN B 597 -32.83 -3.90 19.01
N HIS B 598 -31.53 -3.70 18.81
CA HIS B 598 -30.76 -4.50 17.88
C HIS B 598 -29.50 -4.98 18.59
N TYR B 599 -29.09 -6.20 18.28
CA TYR B 599 -27.87 -6.78 18.83
C TYR B 599 -27.48 -8.04 18.08
N THR B 600 -26.18 -8.19 17.85
CA THR B 600 -25.64 -9.42 17.29
C THR B 600 -24.26 -9.66 17.89
N HIS B 601 -23.46 -10.49 17.23
CA HIS B 601 -22.09 -10.72 17.65
C HIS B 601 -21.19 -10.47 16.44
N PHE B 602 -20.21 -9.59 16.61
CA PHE B 602 -19.44 -9.09 15.48
C PHE B 602 -17.93 -9.01 15.77
N THR B 603 -17.57 -8.92 17.04
CA THR B 603 -16.21 -8.56 17.41
C THR B 603 -15.32 -9.75 17.78
N SER B 604 -15.79 -10.97 17.54
CA SER B 604 -15.01 -12.16 17.87
C SER B 604 -15.08 -13.27 16.83
N PRO B 605 -14.84 -12.95 15.54
CA PRO B 605 -14.95 -13.96 14.48
C PRO B 605 -13.91 -15.09 14.59
N ILE B 606 -12.90 -14.91 15.42
CA ILE B 606 -11.85 -15.91 15.55
C ILE B 606 -12.19 -16.97 16.59
N ARG B 607 -13.21 -16.71 17.41
CA ARG B 607 -13.62 -17.66 18.42
C ARG B 607 -15.13 -17.94 18.38
N ARG B 608 -15.83 -17.25 17.50
CA ARG B 608 -17.26 -17.50 17.29
C ARG B 608 -17.56 -17.62 15.80
N TYR B 609 -18.55 -18.44 15.46
CA TYR B 609 -18.96 -18.59 14.06
C TYR B 609 -20.11 -17.66 13.63
N PRO B 610 -21.06 -17.33 14.54
CA PRO B 610 -22.04 -16.31 14.15
C PRO B 610 -21.40 -15.01 13.67
N ASP B 611 -20.32 -14.61 14.35
CA ASP B 611 -19.55 -13.42 13.98
C ASP B 611 -19.01 -13.48 12.55
N ILE B 612 -18.94 -14.67 11.97
CA ILE B 612 -18.39 -14.83 10.63
C ILE B 612 -19.49 -14.61 9.61
N ILE B 613 -20.72 -14.93 9.98
CA ILE B 613 -21.86 -14.73 9.11
C ILE B 613 -22.19 -13.24 9.07
N VAL B 614 -22.10 -12.59 10.23
CA VAL B 614 -22.38 -11.17 10.35
C VAL B 614 -21.37 -10.32 9.59
N HIS B 615 -20.11 -10.72 9.62
CA HIS B 615 -19.07 -10.02 8.87
C HIS B 615 -19.33 -10.11 7.37
N ARG B 616 -19.85 -11.25 6.92
CA ARG B 616 -20.13 -11.46 5.50
C ARG B 616 -21.38 -10.71 5.09
N LEU B 617 -22.30 -10.55 6.03
CA LEU B 617 -23.53 -9.81 5.77
C LEU B 617 -23.25 -8.31 5.74
N LEU B 618 -22.36 -7.88 6.64
CA LEU B 618 -21.98 -6.48 6.70
C LEU B 618 -21.25 -6.04 5.43
N GLU B 619 -20.34 -6.90 4.94
CA GLU B 619 -19.54 -6.57 3.77
C GLU B 619 -20.40 -6.62 2.50
N ARG B 620 -21.49 -7.37 2.57
CA ARG B 620 -22.32 -7.60 1.41
C ARG B 620 -23.38 -6.51 1.37
N SER B 621 -23.56 -5.85 2.51
CA SER B 621 -24.43 -4.68 2.59
C SER B 621 -23.61 -3.45 2.25
N LEU B 622 -22.31 -3.65 2.05
CA LEU B 622 -21.41 -2.55 1.70
C LEU B 622 -21.01 -2.59 0.22
N LYS B 623 -21.12 -3.77 -0.39
CA LYS B 623 -20.84 -3.93 -1.81
C LYS B 623 -22.14 -3.78 -2.60
N ASN B 624 -23.21 -3.50 -1.87
CA ASN B 624 -24.56 -3.45 -2.43
C ASN B 624 -24.83 -4.72 -3.20
N THR B 625 -25.12 -5.80 -2.47
CA THR B 625 -25.24 -7.12 -3.07
C THR B 625 -26.33 -7.86 -2.29
N SER B 626 -26.43 -9.17 -2.48
CA SER B 626 -27.43 -9.99 -1.80
C SER B 626 -26.81 -10.58 -0.54
N PRO B 627 -27.63 -10.91 0.48
CA PRO B 627 -27.15 -11.43 1.76
C PRO B 627 -26.09 -12.54 1.63
N GLY B 628 -26.22 -13.38 0.61
CA GLY B 628 -25.27 -14.45 0.37
C GLY B 628 -25.71 -15.72 1.08
N ILE B 629 -26.39 -15.54 2.21
CA ILE B 629 -26.94 -16.65 2.96
C ILE B 629 -28.47 -16.58 2.90
N ASP B 630 -29.13 -17.71 3.08
CA ASP B 630 -30.58 -17.75 3.00
C ASP B 630 -31.22 -17.98 4.38
N LYS B 631 -32.53 -17.82 4.45
CA LYS B 631 -33.27 -17.92 5.72
C LYS B 631 -33.03 -19.25 6.43
N LYS B 632 -33.30 -20.35 5.73
CA LYS B 632 -33.17 -21.68 6.30
C LYS B 632 -31.75 -21.94 6.83
N ASN B 633 -30.75 -21.67 6.00
CA ASN B 633 -29.36 -21.91 6.39
C ASN B 633 -28.90 -20.97 7.49
N CYS B 634 -29.58 -19.83 7.63
CA CYS B 634 -29.29 -18.87 8.69
C CYS B 634 -29.86 -19.37 10.00
N SER B 635 -31.10 -19.86 9.97
CA SER B 635 -31.70 -20.43 11.16
C SER B 635 -30.91 -21.67 11.59
N LEU B 636 -30.25 -22.30 10.62
CA LEU B 636 -29.54 -23.54 10.86
C LEU B 636 -28.26 -23.25 11.64
N VAL B 637 -27.62 -22.14 11.28
CA VAL B 637 -26.42 -21.66 11.97
C VAL B 637 -26.79 -21.15 13.35
N ALA B 638 -27.86 -20.36 13.42
CA ALA B 638 -28.32 -19.78 14.68
C ALA B 638 -28.63 -20.84 15.73
N ALA B 639 -29.19 -21.96 15.29
CA ALA B 639 -29.64 -22.99 16.22
C ALA B 639 -28.51 -23.97 16.55
N HIS B 640 -27.56 -24.12 15.63
CA HIS B 640 -26.40 -24.96 15.86
C HIS B 640 -25.40 -24.27 16.78
N CYS B 641 -25.30 -22.95 16.64
CA CYS B 641 -24.37 -22.18 17.45
C CYS B 641 -24.95 -21.93 18.83
N ASN B 642 -26.27 -22.09 18.97
CA ASN B 642 -26.92 -21.96 20.27
C ASN B 642 -26.68 -23.20 21.12
N GLU B 643 -26.73 -24.36 20.49
CA GLU B 643 -26.57 -25.63 21.18
C GLU B 643 -25.11 -25.87 21.53
N LYS B 644 -24.22 -25.67 20.56
CA LYS B 644 -22.79 -25.88 20.72
C LYS B 644 -22.19 -24.95 21.77
N LYS B 645 -22.84 -23.82 22.00
CA LYS B 645 -22.29 -22.82 22.89
C LYS B 645 -22.81 -23.04 24.32
N GLU B 646 -23.75 -23.98 24.45
CA GLU B 646 -24.29 -24.32 25.76
C GLU B 646 -23.50 -25.48 26.34
N LYS B 647 -22.95 -26.31 25.45
CA LYS B 647 -21.95 -27.30 25.81
C LYS B 647 -20.67 -26.58 26.15
N SER B 648 -20.25 -25.67 25.27
CA SER B 648 -18.99 -24.94 25.43
C SER B 648 -18.93 -24.20 26.77
N THR B 649 -20.07 -23.64 27.19
CA THR B 649 -20.14 -22.93 28.46
C THR B 649 -20.12 -23.92 29.62
N THR B 650 -20.67 -25.12 29.38
CA THR B 650 -20.82 -26.12 30.42
C THR B 650 -19.50 -26.80 30.74
N VAL B 651 -18.72 -27.13 29.71
CA VAL B 651 -17.43 -27.80 29.91
C VAL B 651 -16.40 -26.79 30.40
N GLN B 652 -16.66 -25.52 30.19
CA GLN B 652 -15.72 -24.46 30.51
C GLN B 652 -15.75 -24.15 32.00
N GLU B 653 -16.94 -24.24 32.59
CA GLU B 653 -17.10 -24.02 34.01
C GLU B 653 -16.81 -25.31 34.77
N ASP B 654 -16.95 -26.43 34.07
CA ASP B 654 -16.69 -27.74 34.66
C ASP B 654 -15.20 -28.03 34.68
N SER B 655 -14.46 -27.44 33.73
CA SER B 655 -13.02 -27.60 33.70
C SER B 655 -12.39 -26.67 34.71
N GLN B 656 -13.14 -25.64 35.11
CA GLN B 656 -12.70 -24.68 36.11
C GLN B 656 -12.95 -25.27 37.49
N GLN B 657 -13.94 -26.14 37.57
CA GLN B 657 -14.29 -26.81 38.81
C GLN B 657 -13.40 -28.03 39.00
N LEU B 658 -12.86 -28.53 37.89
CA LEU B 658 -11.96 -29.66 37.94
C LEU B 658 -10.60 -29.22 38.48
N PHE B 659 -10.16 -28.04 38.07
CA PHE B 659 -8.87 -27.52 38.47
C PHE B 659 -8.93 -26.95 39.88
N LEU B 660 -10.13 -26.61 40.32
CA LEU B 660 -10.32 -26.21 41.71
C LEU B 660 -10.15 -27.43 42.60
N SER B 661 -10.66 -28.57 42.15
CA SER B 661 -10.54 -29.81 42.89
C SER B 661 -9.09 -30.28 42.93
N VAL B 662 -8.35 -29.98 41.87
CA VAL B 662 -6.95 -30.39 41.76
C VAL B 662 -6.06 -29.46 42.59
N TYR B 663 -6.36 -28.16 42.53
CA TYR B 663 -5.60 -27.18 43.29
C TYR B 663 -5.75 -27.43 44.78
N ILE B 664 -6.95 -27.81 45.19
CA ILE B 664 -7.21 -28.14 46.59
C ILE B 664 -6.40 -29.38 46.95
N ALA B 665 -6.44 -30.38 46.08
CA ALA B 665 -5.74 -31.64 46.33
C ALA B 665 -4.24 -31.44 46.28
N GLU B 666 -3.77 -30.62 45.35
CA GLU B 666 -2.33 -30.40 45.20
C GLU B 666 -1.85 -29.32 46.16
N TYR B 667 -2.60 -29.09 47.23
CA TYR B 667 -2.17 -28.18 48.28
C TYR B 667 -2.02 -28.91 49.62
N CYS B 668 -2.96 -29.82 49.87
CA CYS B 668 -2.97 -30.66 51.04
C CYS B 668 -2.09 -31.85 50.80
N LYS B 669 -1.61 -32.00 49.58
CA LYS B 669 -0.67 -33.07 49.26
C LYS B 669 0.76 -32.53 49.46
N LYS B 670 0.89 -31.22 49.40
CA LYS B 670 2.17 -30.56 49.62
C LYS B 670 2.31 -30.29 51.11
N HIS B 671 1.19 -30.39 51.80
CA HIS B 671 1.14 -30.18 53.23
C HIS B 671 0.50 -31.39 53.93
N ASP B 672 -0.83 -31.40 54.06
CA ASP B 672 -1.59 -32.51 54.67
C ASP B 672 -3.06 -32.15 54.89
N LYS B 673 -3.91 -33.18 54.92
CA LYS B 673 -5.28 -33.10 55.43
C LYS B 673 -5.77 -31.96 54.56
N LYS B 674 -6.81 -31.32 54.88
CA LYS B 674 -7.41 -30.28 54.04
C LYS B 674 -7.07 -28.78 54.05
N SER B 675 -7.23 -28.20 52.87
CA SER B 675 -7.12 -26.76 52.59
C SER B 675 -8.23 -26.00 53.31
N MET B 676 -7.88 -25.28 54.37
CA MET B 676 -8.86 -24.60 55.24
C MET B 676 -9.32 -23.21 54.79
N PRO B 677 -10.57 -23.10 54.31
CA PRO B 677 -11.24 -21.86 53.90
C PRO B 677 -12.24 -21.36 54.94
N VAL B 678 -12.33 -20.05 55.13
CA VAL B 678 -13.26 -19.47 56.10
C VAL B 678 -14.38 -18.64 55.47
N GLN B 679 -14.60 -18.79 54.16
CA GLN B 679 -15.57 -17.93 53.49
C GLN B 679 -16.89 -18.62 53.20
N ALA B 680 -17.43 -19.28 54.22
CA ALA B 680 -18.70 -20.00 54.10
C ALA B 680 -19.85 -19.22 54.70
N PHE B 681 -20.94 -19.12 53.93
CA PHE B 681 -22.16 -18.49 54.40
C PHE B 681 -23.20 -19.60 54.51
N ALA B 682 -24.37 -19.34 55.07
CA ALA B 682 -25.36 -20.40 55.29
C ALA B 682 -26.81 -20.15 54.81
N THR B 683 -27.23 -20.98 53.84
CA THR B 683 -28.56 -20.96 53.21
C THR B 683 -28.61 -22.36 52.59
N ARG B 684 -29.66 -23.14 52.88
CA ARG B 684 -30.47 -22.92 54.09
C ARG B 684 -30.84 -24.06 55.05
N ILE B 685 -31.83 -24.86 54.66
CA ILE B 685 -32.48 -25.80 55.58
C ILE B 685 -32.33 -27.25 55.09
N SER B 686 -33.30 -28.09 55.48
CA SER B 686 -33.37 -29.54 55.14
C SER B 686 -32.37 -30.60 55.75
N GLY B 687 -32.37 -30.71 57.07
CA GLY B 687 -31.47 -31.57 57.81
C GLY B 687 -31.43 -33.07 57.55
N ASN B 688 -30.25 -33.67 57.64
CA ASN B 688 -29.01 -32.99 58.00
C ASN B 688 -28.24 -32.47 56.81
N SER B 689 -28.49 -31.23 56.44
CA SER B 689 -27.77 -30.63 55.32
C SER B 689 -27.83 -29.11 55.32
N ILE B 690 -26.69 -28.46 55.50
CA ILE B 690 -26.59 -27.03 55.32
C ILE B 690 -26.05 -26.75 53.93
N ASP B 691 -26.53 -25.71 53.27
CA ASP B 691 -26.00 -25.38 51.96
C ASP B 691 -25.16 -24.13 52.16
N VAL B 692 -23.92 -24.16 51.67
CA VAL B 692 -22.96 -23.09 51.93
C VAL B 692 -22.45 -22.48 50.64
N TYR B 693 -21.74 -21.37 50.77
CA TYR B 693 -21.15 -20.67 49.64
C TYR B 693 -19.79 -20.13 50.02
N ILE B 694 -18.74 -20.76 49.50
CA ILE B 694 -17.38 -20.32 49.79
C ILE B 694 -16.94 -19.22 48.82
N SER B 695 -17.14 -17.95 49.21
CA SER B 695 -16.85 -16.82 48.35
C SER B 695 -15.44 -16.92 47.78
N GLU B 696 -14.49 -17.23 48.64
CA GLU B 696 -13.16 -17.64 48.21
C GLU B 696 -13.42 -18.83 47.29
N TYR B 697 -13.09 -18.66 46.00
CA TYR B 697 -13.25 -19.66 44.92
C TYR B 697 -14.66 -19.71 44.36
N GLY B 698 -15.56 -18.92 44.94
CA GLY B 698 -16.98 -19.01 44.62
C GLY B 698 -17.36 -20.47 44.78
N ILE B 699 -18.42 -20.92 44.13
CA ILE B 699 -18.79 -22.33 44.19
C ILE B 699 -19.53 -22.88 45.39
N SER B 700 -20.85 -23.00 45.32
CA SER B 700 -21.63 -23.58 46.41
C SER B 700 -21.47 -25.04 46.82
N ASN B 701 -21.58 -25.31 48.12
CA ASN B 701 -21.34 -26.65 48.64
C ASN B 701 -22.31 -27.00 49.77
N ARG B 702 -21.96 -28.02 50.55
CA ARG B 702 -22.84 -28.51 51.59
C ARG B 702 -22.11 -29.22 52.73
N VAL B 703 -22.65 -29.08 53.94
CA VAL B 703 -22.12 -29.80 55.09
C VAL B 703 -23.29 -30.54 55.73
N ASP B 704 -23.10 -31.82 56.03
CA ASP B 704 -24.20 -32.65 56.50
C ASP B 704 -23.97 -33.21 57.90
N LYS B 733 -21.43 -24.70 67.63
CA LYS B 733 -22.53 -25.45 68.19
C LYS B 733 -23.88 -24.83 67.81
N THR B 734 -23.84 -23.85 66.91
CA THR B 734 -25.04 -23.20 66.40
C THR B 734 -24.75 -22.36 65.16
N ILE B 735 -25.61 -22.46 64.17
CA ILE B 735 -25.46 -21.75 62.94
C ILE B 735 -26.83 -21.47 62.42
N ALA B 736 -26.95 -20.45 61.59
CA ALA B 736 -28.22 -20.12 61.02
C ALA B 736 -27.87 -19.42 59.76
N LEU B 737 -28.85 -19.22 58.86
CA LEU B 737 -28.65 -18.54 57.58
C LEU B 737 -28.04 -17.22 57.78
N THR B 738 -27.07 -16.80 56.97
CA THR B 738 -26.34 -15.50 57.03
C THR B 738 -25.08 -15.41 57.92
N ASP B 739 -24.82 -16.42 58.72
CA ASP B 739 -23.71 -16.45 59.66
C ASP B 739 -22.52 -16.96 58.85
N ARG B 740 -21.32 -16.60 59.31
CA ARG B 740 -20.10 -16.91 58.59
C ARG B 740 -19.17 -17.68 59.52
N PHE B 741 -18.44 -18.64 58.97
CA PHE B 741 -17.62 -19.53 59.76
C PHE B 741 -16.60 -20.24 58.87
N GLN B 742 -15.66 -20.94 59.50
CA GLN B 742 -14.63 -21.64 58.76
C GLN B 742 -15.07 -23.07 58.45
N VAL B 743 -14.65 -23.58 57.30
CA VAL B 743 -15.07 -24.92 56.90
C VAL B 743 -13.84 -25.81 56.72
N TYR B 744 -13.99 -26.81 55.86
CA TYR B 744 -12.89 -27.71 55.53
C TYR B 744 -12.34 -27.92 54.10
N LEU B 745 -13.22 -28.21 53.14
CA LEU B 745 -12.84 -28.46 51.74
C LEU B 745 -11.85 -29.50 51.31
N TYR B 746 -12.26 -30.77 51.34
CA TYR B 746 -11.43 -31.90 50.95
C TYR B 746 -11.72 -32.28 49.52
N SER B 747 -10.74 -32.75 48.76
CA SER B 747 -11.00 -33.07 47.37
C SER B 747 -10.20 -34.26 46.86
N ASP B 748 -10.83 -35.02 45.98
CA ASP B 748 -10.19 -36.12 45.29
C ASP B 748 -10.65 -36.01 43.83
N TYR B 749 -9.85 -36.50 42.89
CA TYR B 749 -10.20 -36.30 41.49
C TYR B 749 -9.66 -37.36 40.53
N SER B 750 -10.26 -37.42 39.35
CA SER B 750 -9.74 -38.14 38.18
C SER B 750 -9.65 -39.66 38.32
N ARG B 751 -9.71 -40.39 37.20
CA ARG B 751 -9.79 -39.80 35.86
C ARG B 751 -11.20 -39.87 35.26
N THR B 752 -12.15 -40.33 36.06
CA THR B 752 -13.53 -40.47 35.62
C THR B 752 -14.43 -39.55 36.44
N PHE B 753 -13.84 -38.92 37.45
CA PHE B 753 -14.60 -38.10 38.39
C PHE B 753 -13.71 -37.03 39.02
N PHE B 754 -14.34 -35.99 39.55
CA PHE B 754 -13.66 -35.11 40.49
C PHE B 754 -14.71 -34.70 41.50
N SER B 755 -14.27 -34.30 42.69
CA SER B 755 -15.21 -33.92 43.72
C SER B 755 -14.58 -33.00 44.76
N ILE B 756 -15.33 -32.00 45.18
CA ILE B 756 -14.91 -31.10 46.24
C ILE B 756 -15.93 -31.21 47.35
N ARG B 757 -15.47 -31.55 48.54
CA ARG B 757 -16.37 -31.77 49.67
C ARG B 757 -15.85 -31.09 50.91
N CYS B 758 -16.75 -30.44 51.64
CA CYS B 758 -16.37 -29.68 52.81
C CYS B 758 -17.05 -30.23 54.05
N SER B 759 -16.43 -30.05 55.21
CA SER B 759 -16.99 -30.48 56.48
C SER B 759 -16.83 -29.39 57.53
N LEU B 760 -17.08 -29.73 58.79
CA LEU B 760 -16.94 -28.78 59.89
C LEU B 760 -16.08 -29.34 61.01
#